data_9QRP
#
_entry.id   9QRP
#
_cell.length_a   121.040
_cell.length_b   125.810
_cell.length_c   117.620
_cell.angle_alpha   90.000
_cell.angle_beta   90.000
_cell.angle_gamma   90.000
#
_symmetry.space_group_name_H-M   'P 21 21 21'
#
loop_
_entity.id
_entity.type
_entity.pdbx_description
1 polymer 'Serine--tRNA ligase'
2 polymer 'tRNA(Ser), GGA anticodon'
3 non-polymer "5'-O-(N-(L-SERYL)-SULFAMOYL)ADENOSINE"
4 non-polymer 'SULFATE ION'
5 non-polymer 'MANGANESE (II) ION'
6 water water
#
loop_
_entity_poly.entity_id
_entity_poly.type
_entity_poly.pdbx_seq_one_letter_code
_entity_poly.pdbx_strand_id
1 'polypeptide(L)'
;MVDLKRLRQEPEVFHRAIREKGVALDLEALLALDREVQELKKRLQEVQTERNQVAKRVPKAPPEEKEALIARGKALGEEA
KRLEEALREKEARLEALLLQVPLPPWPGAPVGGEEANREIKRVGGPPEFSFPPLDHVALMEKNGWWEPRISQVSGSRSYA
LKGDLALYELALLRFAMDFMARRGFLPMTLPSYAREKAFLGTGHFPAYRDQVWAIAETDLYLTGTAEVVLNALHSGEILP
YEALPLRYAGYAPAFRSEAGSFGKDVRGLMRVHQFHKVEQYVLTEASLEASDRAFQELLENAEEILRLLELPYRLVEVAT
GDMGPGKWRQVDIEVYLPSEGRYRETHSCSALLDWQARRANLRYRDPEGRVRYAYTLNNTALATPRILAMLLENHQLQDG
RVRVPQALIPYMGKEVLEPCG
;
A,B
2 'polyribonucleotide'
;GGAGAGGUGCCCGAGUGGCUGAAGGGACACGACUGGAAAUCGUGUAGGGGGGCUUAAACCUCCCUCGCGGG(A1I9V)
(PSU)CGAAUCCCGCCCUCUCCGCCA
;
T
#
# COMPACT_ATOMS: atom_id res chain seq x y z
N MET A 1 7.49 10.95 25.94
CA MET A 1 7.81 12.19 26.71
C MET A 1 7.49 11.94 28.17
N VAL A 2 8.43 12.26 29.06
CA VAL A 2 8.22 12.10 30.48
C VAL A 2 7.93 13.45 31.10
N ASP A 3 7.31 13.42 32.27
CA ASP A 3 6.99 14.64 32.99
C ASP A 3 8.28 15.31 33.47
N LEU A 4 8.46 16.58 33.10
CA LEU A 4 9.67 17.30 33.48
C LEU A 4 9.81 17.40 34.99
N LYS A 5 8.73 17.76 35.68
CA LYS A 5 8.78 17.89 37.14
C LYS A 5 9.08 16.54 37.79
N ARG A 6 8.49 15.46 37.27
CA ARG A 6 8.79 14.14 37.81
C ARG A 6 10.25 13.77 37.60
N LEU A 7 10.84 14.22 36.49
CA LEU A 7 12.23 13.91 36.20
C LEU A 7 13.18 14.67 37.13
N ARG A 8 12.82 15.89 37.51
CA ARG A 8 13.67 16.67 38.41
C ARG A 8 13.60 16.12 39.83
N GLN A 9 12.42 15.71 40.28
CA GLN A 9 12.26 15.29 41.67
C GLN A 9 12.93 13.96 41.93
N GLU A 10 12.72 12.98 41.05
CA GLU A 10 13.19 11.60 41.25
C GLU A 10 14.00 11.16 40.04
N PRO A 11 15.24 11.65 39.91
CA PRO A 11 16.06 11.24 38.76
C PRO A 11 16.53 9.81 38.85
N GLU A 12 16.64 9.25 40.05
CA GLU A 12 17.11 7.88 40.21
C GLU A 12 16.16 6.89 39.57
N VAL A 13 14.85 7.16 39.61
CA VAL A 13 13.88 6.25 39.01
C VAL A 13 14.05 6.21 37.49
N PHE A 14 14.44 7.32 36.88
CA PHE A 14 14.64 7.36 35.44
C PHE A 14 16.05 6.96 35.03
N HIS A 15 17.00 6.95 35.96
CA HIS A 15 18.26 6.28 35.70
C HIS A 15 18.07 4.77 35.65
N ARG A 16 17.29 4.23 36.59
CA ARG A 16 17.01 2.79 36.59
C ARG A 16 16.32 2.36 35.31
N ALA A 17 15.39 3.19 34.80
CA ALA A 17 14.65 2.82 33.60
C ALA A 17 15.54 2.83 32.36
N ILE A 18 16.53 3.73 32.30
CA ILE A 18 17.44 3.76 31.17
C ILE A 18 18.32 2.51 31.18
N ARG A 19 18.79 2.09 32.35
CA ARG A 19 19.63 0.91 32.44
C ARG A 19 18.83 -0.34 32.08
N GLU A 20 17.64 -0.51 32.69
CA GLU A 20 16.87 -1.72 32.46
C GLU A 20 16.35 -1.82 31.04
N LYS A 21 16.08 -0.69 30.38
CA LYS A 21 15.65 -0.70 28.99
C LYS A 21 16.79 -0.55 28.00
N GLY A 22 18.01 -0.25 28.48
CA GLY A 22 19.16 -0.15 27.60
C GLY A 22 19.01 0.95 26.57
N VAL A 23 18.92 2.20 27.04
CA VAL A 23 18.77 3.37 26.17
C VAL A 23 20.08 4.13 26.17
N ALA A 24 20.59 4.43 24.98
CA ALA A 24 21.80 5.23 24.84
C ALA A 24 21.44 6.69 25.10
N LEU A 25 21.43 7.06 26.37
CA LEU A 25 21.03 8.41 26.77
C LEU A 25 21.74 8.76 28.07
N ASP A 26 22.40 9.92 28.07
CA ASP A 26 23.09 10.43 29.26
C ASP A 26 22.13 11.35 30.00
N LEU A 27 21.58 10.85 31.12
CA LEU A 27 20.59 11.63 31.84
C LEU A 27 21.23 12.80 32.58
N GLU A 28 22.49 12.67 33.01
CA GLU A 28 23.14 13.77 33.69
C GLU A 28 23.43 14.94 32.74
N ALA A 29 23.72 14.65 31.48
CA ALA A 29 23.86 15.74 30.50
C ALA A 29 22.52 16.39 30.21
N LEU A 30 21.43 15.63 30.32
CA LEU A 30 20.10 16.21 30.15
C LEU A 30 19.74 17.10 31.33
N LEU A 31 20.00 16.61 32.55
CA LEU A 31 19.71 17.41 33.73
C LEU A 31 20.53 18.69 33.75
N ALA A 32 21.82 18.58 33.45
CA ALA A 32 22.67 19.78 33.40
C ALA A 32 22.16 20.77 32.36
N LEU A 33 21.74 20.26 31.19
CA LEU A 33 21.21 21.14 30.16
C LEU A 33 19.87 21.73 30.57
N ASP A 34 19.10 21.02 31.39
CA ASP A 34 17.85 21.59 31.91
C ASP A 34 18.12 22.71 32.89
N ARG A 35 19.09 22.51 33.79
CA ARG A 35 19.49 23.59 34.70
C ARG A 35 20.00 24.79 33.91
N GLU A 36 20.72 24.54 32.82
CA GLU A 36 21.24 25.63 32.00
C GLU A 36 20.11 26.43 31.36
N VAL A 37 19.02 25.78 30.99
CA VAL A 37 17.87 26.52 30.46
C VAL A 37 17.19 27.30 31.57
N GLN A 38 17.17 26.76 32.79
CA GLN A 38 16.56 27.48 33.91
C GLN A 38 17.35 28.73 34.25
N GLU A 39 18.68 28.67 34.17
CA GLU A 39 19.50 29.84 34.47
C GLU A 39 19.26 30.95 33.44
N LEU A 40 19.11 30.60 32.17
CA LEU A 40 18.84 31.61 31.15
C LEU A 40 17.47 32.25 31.35
N LYS A 41 16.51 31.49 31.90
CA LYS A 41 15.21 32.07 32.22
C LYS A 41 15.27 32.95 33.46
N LYS A 42 16.26 32.74 34.33
CA LYS A 42 16.47 33.62 35.47
C LYS A 42 17.14 34.92 35.08
N ARG A 43 17.88 34.94 33.97
CA ARG A 43 18.47 36.19 33.49
C ARG A 43 17.42 37.07 32.82
N LEU A 44 16.49 36.47 32.07
CA LEU A 44 15.51 37.25 31.34
C LEU A 44 14.50 37.90 32.26
N GLN A 45 14.11 37.22 33.35
CA GLN A 45 13.17 37.81 34.29
C GLN A 45 13.75 39.00 35.04
N GLU A 46 15.08 39.07 35.14
CA GLU A 46 15.72 40.24 35.74
C GLU A 46 15.79 41.41 34.77
N VAL A 47 15.77 41.12 33.46
CA VAL A 47 15.75 42.18 32.47
C VAL A 47 14.31 42.64 32.22
N GLN A 48 13.32 41.77 32.45
CA GLN A 48 11.93 42.18 32.26
C GLN A 48 11.50 43.18 33.33
N THR A 49 11.99 43.02 34.56
CA THR A 49 11.70 44.00 35.60
C THR A 49 12.45 45.30 35.34
N GLU A 50 13.74 45.20 35.00
CA GLU A 50 14.56 46.38 34.70
C GLU A 50 14.61 46.63 33.20
N GLU A 78 19.54 45.05 23.33
CA GLU A 78 20.41 44.18 22.54
C GLU A 78 20.93 43.03 23.38
N GLU A 79 21.30 43.32 24.63
CA GLU A 79 21.76 42.28 25.54
C GLU A 79 20.62 41.36 25.95
N ALA A 80 19.39 41.85 25.93
CA ALA A 80 18.24 41.01 26.24
C ALA A 80 17.92 40.07 25.08
N LYS A 81 18.16 40.50 23.85
CA LYS A 81 17.89 39.65 22.70
C LYS A 81 18.97 38.59 22.49
N ARG A 82 20.19 38.84 22.96
CA ARG A 82 21.25 37.84 22.83
C ARG A 82 21.00 36.64 23.74
N LEU A 83 20.39 36.87 24.90
CA LEU A 83 20.05 35.75 25.78
C LEU A 83 18.86 34.96 25.27
N GLU A 84 18.02 35.56 24.43
CA GLU A 84 16.90 34.83 23.82
C GLU A 84 17.31 34.04 22.59
N GLU A 85 18.41 34.43 21.93
CA GLU A 85 18.93 33.67 20.82
C GLU A 85 19.73 32.44 21.28
N ALA A 86 20.25 32.47 22.50
CA ALA A 86 20.88 31.29 23.08
C ALA A 86 19.83 30.33 23.64
N LEU A 87 18.76 30.89 24.22
CA LEU A 87 17.69 30.06 24.78
C LEU A 87 17.12 29.12 23.72
N ARG A 88 16.82 29.64 22.54
CA ARG A 88 16.28 28.83 21.45
C ARG A 88 17.14 27.60 21.21
N GLU A 89 18.44 27.80 20.98
CA GLU A 89 19.36 26.70 20.72
C GLU A 89 19.30 25.69 21.86
N LYS A 90 19.44 26.16 23.10
CA LYS A 90 19.44 25.25 24.25
C LYS A 90 18.13 24.46 24.33
N GLU A 91 17.00 25.14 24.13
CA GLU A 91 15.71 24.46 24.20
C GLU A 91 15.56 23.44 23.07
N ALA A 92 16.03 23.78 21.87
CA ALA A 92 15.99 22.83 20.76
C ALA A 92 16.80 21.58 21.07
N ARG A 93 17.98 21.74 21.67
CA ARG A 93 18.79 20.59 22.07
C ARG A 93 18.09 19.80 23.16
N LEU A 94 17.46 20.48 24.12
CA LEU A 94 16.79 19.82 25.23
C LEU A 94 15.59 19.00 24.75
N GLU A 95 14.83 19.54 23.79
CA GLU A 95 13.65 18.84 23.30
C GLU A 95 14.04 17.55 22.58
N ALA A 96 15.02 17.61 21.70
CA ALA A 96 15.47 16.41 21.01
C ALA A 96 15.98 15.36 21.98
N LEU A 97 16.50 15.79 23.13
CA LEU A 97 17.02 14.88 24.13
C LEU A 97 15.95 14.41 25.12
N LEU A 98 14.85 15.16 25.25
CA LEU A 98 13.74 14.71 26.08
C LEU A 98 12.90 13.65 25.38
N LEU A 99 12.89 13.65 24.04
CA LEU A 99 12.15 12.64 23.29
C LEU A 99 12.76 11.25 23.42
N GLN A 100 13.94 11.13 24.02
CA GLN A 100 14.60 9.84 24.21
C GLN A 100 14.49 9.32 25.63
N VAL A 101 13.89 10.09 26.55
CA VAL A 101 13.79 9.68 27.94
C VAL A 101 12.74 8.57 28.03
N PRO A 102 13.09 7.39 28.55
CA PRO A 102 12.12 6.30 28.60
C PRO A 102 11.16 6.42 29.76
N LEU A 103 10.05 5.70 29.66
CA LEU A 103 9.10 5.58 30.75
C LEU A 103 9.48 4.40 31.65
N PRO A 104 9.35 4.52 32.97
CA PRO A 104 9.66 3.36 33.82
C PRO A 104 8.69 2.23 33.59
N PRO A 105 9.18 1.01 33.43
CA PRO A 105 8.28 -0.14 33.25
C PRO A 105 7.66 -0.57 34.57
N TRP A 106 6.58 -1.34 34.46
CA TRP A 106 5.96 -1.88 35.64
C TRP A 106 6.86 -2.95 36.28
N PRO A 107 6.83 -3.09 37.60
CA PRO A 107 7.76 -4.02 38.25
C PRO A 107 7.60 -5.46 37.78
N GLY A 108 6.39 -5.86 37.38
CA GLY A 108 6.17 -7.22 36.95
C GLY A 108 6.88 -7.60 35.67
N ALA A 109 7.55 -6.66 35.02
CA ALA A 109 8.26 -6.94 33.78
C ALA A 109 9.65 -7.50 34.10
N PRO A 110 10.02 -8.65 33.53
CA PRO A 110 11.40 -9.14 33.73
C PRO A 110 12.41 -8.11 33.27
N VAL A 111 13.55 -8.07 33.95
CA VAL A 111 14.66 -7.22 33.57
C VAL A 111 15.62 -8.05 32.71
N GLY A 112 15.95 -7.53 31.54
CA GLY A 112 16.81 -8.21 30.60
C GLY A 112 16.33 -7.97 29.19
N GLY A 113 16.91 -8.72 28.26
CA GLY A 113 16.58 -8.64 26.86
C GLY A 113 15.55 -9.67 26.46
N GLU A 114 15.54 -9.98 25.15
CA GLU A 114 14.57 -10.93 24.63
C GLU A 114 14.67 -12.28 25.34
N GLU A 115 15.86 -12.65 25.80
CA GLU A 115 16.01 -13.92 26.52
C GLU A 115 15.20 -13.91 27.81
N ALA A 116 15.01 -12.74 28.42
CA ALA A 116 14.28 -12.64 29.68
C ALA A 116 12.76 -12.64 29.50
N ASN A 117 12.28 -12.75 28.27
CA ASN A 117 10.83 -12.77 28.04
C ASN A 117 10.22 -14.03 28.64
N ARG A 118 9.12 -13.84 29.37
CA ARG A 118 8.52 -14.87 30.21
C ARG A 118 7.16 -15.24 29.65
N GLU A 119 6.92 -16.54 29.44
CA GLU A 119 5.64 -17.00 28.95
C GLU A 119 4.60 -16.91 30.06
N ILE A 120 3.50 -16.20 29.78
CA ILE A 120 2.43 -16.07 30.75
C ILE A 120 1.56 -17.32 30.76
N LYS A 121 1.16 -17.77 29.58
CA LYS A 121 0.29 -18.94 29.45
C LYS A 121 0.26 -19.31 27.96
N ARG A 122 -0.35 -20.46 27.68
CA ARG A 122 -0.59 -20.86 26.31
C ARG A 122 -1.95 -21.55 26.25
N VAL A 123 -2.65 -21.35 25.14
CA VAL A 123 -4.01 -21.85 24.96
C VAL A 123 -4.04 -22.64 23.66
N GLY A 124 -4.55 -23.87 23.72
CA GLY A 124 -4.58 -24.73 22.56
C GLY A 124 -3.31 -25.55 22.45
N GLY A 125 -3.44 -26.82 22.05
CA GLY A 125 -2.31 -27.69 21.93
C GLY A 125 -1.80 -27.76 20.49
N PRO A 126 -0.54 -28.15 20.32
CA PRO A 126 -0.01 -28.28 18.96
C PRO A 126 -0.83 -29.29 18.17
N PRO A 127 -0.99 -29.05 16.87
CA PRO A 127 -1.86 -29.94 16.08
C PRO A 127 -1.26 -31.32 15.91
N GLU A 128 -2.14 -32.31 15.78
CA GLU A 128 -1.78 -33.71 15.58
C GLU A 128 -2.08 -34.08 14.14
N PHE A 129 -1.04 -34.50 13.41
CA PHE A 129 -1.18 -34.89 12.01
C PHE A 129 -0.82 -36.36 11.85
N SER A 130 -1.63 -37.08 11.07
CA SER A 130 -1.30 -38.44 10.64
C SER A 130 -0.51 -38.45 9.34
N PHE A 131 0.28 -37.41 9.09
CA PHE A 131 1.07 -37.26 7.87
C PHE A 131 2.11 -36.16 8.10
N PRO A 132 3.23 -36.19 7.41
CA PRO A 132 4.24 -35.14 7.60
C PRO A 132 3.70 -33.78 7.20
N PRO A 133 3.68 -32.81 8.11
CA PRO A 133 3.12 -31.50 7.77
C PRO A 133 4.06 -30.72 6.86
N LEU A 134 3.45 -29.87 6.04
CA LEU A 134 4.17 -28.98 5.14
C LEU A 134 4.27 -27.58 5.73
N ASP A 135 5.28 -26.85 5.31
CA ASP A 135 5.40 -25.45 5.68
C ASP A 135 4.52 -24.60 4.78
N HIS A 136 4.22 -23.37 5.24
CA HIS A 136 3.22 -22.58 4.56
C HIS A 136 3.64 -22.24 3.13
N VAL A 137 4.94 -22.07 2.88
CA VAL A 137 5.40 -21.83 1.52
C VAL A 137 5.12 -23.04 0.64
N ALA A 138 5.42 -24.24 1.15
CA ALA A 138 5.16 -25.45 0.37
C ALA A 138 3.67 -25.61 0.09
N LEU A 139 2.83 -25.34 1.08
CA LEU A 139 1.38 -25.38 0.86
C LEU A 139 0.96 -24.36 -0.19
N MET A 140 1.59 -23.19 -0.18
CA MET A 140 1.28 -22.18 -1.18
C MET A 140 1.72 -22.61 -2.57
N GLU A 141 2.92 -23.18 -2.69
CA GLU A 141 3.38 -23.69 -3.98
C GLU A 141 2.44 -24.78 -4.50
N LYS A 142 2.07 -25.72 -3.63
CA LYS A 142 1.27 -26.86 -4.08
C LYS A 142 -0.05 -26.41 -4.70
N ASN A 143 -0.75 -25.51 -4.02
CA ASN A 143 -2.09 -25.09 -4.44
C ASN A 143 -2.08 -23.90 -5.39
N GLY A 144 -0.92 -23.38 -5.76
CA GLY A 144 -0.86 -22.22 -6.62
C GLY A 144 -1.48 -20.98 -6.00
N TRP A 145 -1.34 -20.82 -4.68
CA TRP A 145 -1.81 -19.64 -3.98
C TRP A 145 -0.73 -18.57 -3.86
N TRP A 146 0.39 -18.75 -4.56
CA TRP A 146 1.59 -17.94 -4.41
C TRP A 146 1.95 -17.32 -5.75
N GLU A 147 2.50 -16.11 -5.70
CA GLU A 147 3.05 -15.48 -6.91
C GLU A 147 4.47 -15.04 -6.61
N PRO A 148 5.45 -15.95 -6.77
CA PRO A 148 6.84 -15.58 -6.47
C PRO A 148 7.44 -14.60 -7.47
N ARG A 149 6.82 -14.41 -8.63
CA ARG A 149 7.33 -13.45 -9.59
C ARG A 149 7.30 -12.02 -9.05
N ILE A 150 6.62 -11.77 -7.93
CA ILE A 150 6.56 -10.44 -7.36
C ILE A 150 7.95 -9.96 -6.93
N SER A 151 8.87 -10.87 -6.63
CA SER A 151 10.22 -10.47 -6.25
C SER A 151 10.90 -9.67 -7.34
N GLN A 152 10.65 -10.00 -8.60
CA GLN A 152 11.24 -9.26 -9.70
C GLN A 152 10.56 -7.92 -9.92
N VAL A 153 9.27 -7.82 -9.59
CA VAL A 153 8.52 -6.60 -9.82
C VAL A 153 8.79 -5.58 -8.71
N SER A 154 8.71 -6.03 -7.46
CA SER A 154 8.73 -5.13 -6.31
C SER A 154 9.93 -5.35 -5.40
N GLY A 155 10.82 -6.28 -5.73
CA GLY A 155 12.00 -6.51 -4.93
C GLY A 155 11.80 -7.52 -3.84
N SER A 156 12.89 -7.81 -3.13
CA SER A 156 12.87 -8.79 -2.06
C SER A 156 11.86 -8.39 -0.99
N ARG A 157 11.47 -9.38 -0.18
CA ARG A 157 10.66 -9.13 1.01
C ARG A 157 9.25 -8.64 0.63
N SER A 158 8.68 -9.22 -0.43
CA SER A 158 7.36 -8.87 -0.91
C SER A 158 6.52 -10.13 -1.03
N TYR A 159 5.20 -9.94 -1.16
CA TYR A 159 4.32 -11.08 -1.38
C TYR A 159 3.14 -10.66 -2.25
N ALA A 160 2.50 -11.67 -2.83
CA ALA A 160 1.32 -11.50 -3.68
C ALA A 160 0.57 -12.82 -3.66
N LEU A 161 -0.71 -12.77 -3.31
CA LEU A 161 -1.51 -13.97 -3.12
C LEU A 161 -2.44 -14.19 -4.30
N LYS A 162 -2.78 -15.46 -4.54
CA LYS A 162 -3.61 -15.85 -5.67
C LYS A 162 -4.81 -16.66 -5.19
N GLY A 163 -5.85 -16.66 -6.01
CA GLY A 163 -6.97 -17.56 -5.80
C GLY A 163 -7.62 -17.37 -4.45
N ASP A 164 -7.97 -18.49 -3.82
CA ASP A 164 -8.68 -18.44 -2.56
C ASP A 164 -7.86 -17.79 -1.46
N LEU A 165 -6.54 -17.98 -1.47
CA LEU A 165 -5.71 -17.39 -0.41
C LEU A 165 -5.75 -15.87 -0.48
N ALA A 166 -5.82 -15.30 -1.69
CA ALA A 166 -6.04 -13.87 -1.83
C ALA A 166 -7.38 -13.47 -1.23
N LEU A 167 -8.44 -14.19 -1.57
CA LEU A 167 -9.75 -13.93 -0.99
C LEU A 167 -9.72 -14.15 0.53
N TYR A 168 -8.98 -15.15 0.98
CA TYR A 168 -8.88 -15.41 2.42
C TYR A 168 -8.28 -14.23 3.16
N GLU A 169 -7.25 -13.61 2.58
CA GLU A 169 -6.62 -12.46 3.23
C GLU A 169 -7.63 -11.33 3.45
N LEU A 170 -8.42 -11.01 2.41
CA LEU A 170 -9.42 -9.97 2.55
C LEU A 170 -10.53 -10.39 3.51
N ALA A 171 -10.87 -11.68 3.53
CA ALA A 171 -11.86 -12.16 4.49
C ALA A 171 -11.39 -11.96 5.92
N LEU A 172 -10.11 -12.26 6.19
CA LEU A 172 -9.58 -12.10 7.54
C LEU A 172 -9.68 -10.65 8.00
N LEU A 173 -9.42 -9.70 7.10
CA LEU A 173 -9.49 -8.29 7.47
C LEU A 173 -10.91 -7.89 7.84
N ARG A 174 -11.88 -8.22 6.98
CA ARG A 174 -13.27 -7.92 7.29
C ARG A 174 -13.71 -8.63 8.57
N PHE A 175 -13.29 -9.88 8.75
CA PHE A 175 -13.64 -10.62 9.96
C PHE A 175 -13.15 -9.89 11.21
N ALA A 176 -11.90 -9.44 11.19
CA ALA A 176 -11.36 -8.72 12.34
C ALA A 176 -12.12 -7.42 12.59
N MET A 177 -12.48 -6.71 11.52
CA MET A 177 -13.20 -5.45 11.69
C MET A 177 -14.61 -5.69 12.18
N ASP A 178 -15.27 -6.76 11.74
CA ASP A 178 -16.60 -7.07 12.24
C ASP A 178 -16.55 -7.49 13.71
N PHE A 179 -15.56 -8.28 14.08
CA PHE A 179 -15.41 -8.69 15.47
C PHE A 179 -15.19 -7.47 16.37
N MET A 180 -14.24 -6.61 16.00
CA MET A 180 -13.95 -5.42 16.81
C MET A 180 -15.17 -4.52 16.89
N ALA A 181 -15.92 -4.38 15.80
CA ALA A 181 -17.09 -3.52 15.82
C ALA A 181 -18.16 -4.05 16.77
N ARG A 182 -18.28 -5.37 16.89
CA ARG A 182 -19.21 -5.96 17.83
C ARG A 182 -18.67 -5.95 19.26
N ARG A 183 -17.37 -5.73 19.43
CA ARG A 183 -16.76 -5.66 20.75
C ARG A 183 -16.75 -4.23 21.31
N GLY A 184 -17.44 -3.30 20.65
CA GLY A 184 -17.53 -1.94 21.14
C GLY A 184 -16.48 -0.99 20.62
N PHE A 185 -15.61 -1.42 19.72
CA PHE A 185 -14.61 -0.55 19.12
C PHE A 185 -15.18 0.08 17.86
N LEU A 186 -14.83 1.35 17.63
CA LEU A 186 -15.28 2.06 16.45
C LEU A 186 -14.43 1.68 15.26
N PRO A 187 -14.99 1.04 14.23
CA PRO A 187 -14.17 0.69 13.06
C PRO A 187 -13.81 1.91 12.24
N MET A 188 -12.59 1.89 11.70
CA MET A 188 -12.09 2.99 10.87
C MET A 188 -11.21 2.44 9.76
N THR A 189 -11.34 3.03 8.58
CA THR A 189 -10.40 2.82 7.49
C THR A 189 -9.51 4.06 7.40
N LEU A 190 -8.20 3.85 7.43
CA LEU A 190 -7.24 4.93 7.63
C LEU A 190 -6.22 4.95 6.52
N PRO A 191 -5.59 6.10 6.27
CA PRO A 191 -4.48 6.15 5.32
C PRO A 191 -3.22 5.56 5.94
N SER A 192 -2.25 5.27 5.08
CA SER A 192 -0.99 4.67 5.47
C SER A 192 0.17 5.66 5.40
N TYR A 193 -0.14 6.96 5.54
CA TYR A 193 0.88 7.99 5.52
C TYR A 193 0.49 9.09 6.50
N ALA A 194 1.50 9.73 7.08
CA ALA A 194 1.28 10.81 8.02
C ALA A 194 2.49 11.74 7.99
N ARG A 195 2.35 12.89 8.65
CA ARG A 195 3.43 13.83 8.79
C ARG A 195 4.31 13.45 9.98
N GLU A 196 5.39 14.21 10.16
CA GLU A 196 6.36 13.89 11.19
C GLU A 196 5.76 13.97 12.59
N LYS A 197 4.87 14.95 12.82
CA LYS A 197 4.31 15.13 14.15
C LYS A 197 3.65 13.84 14.66
N ALA A 198 3.04 13.07 13.77
CA ALA A 198 2.30 11.89 14.20
C ALA A 198 3.26 10.78 14.63
N PHE A 199 4.38 10.63 13.93
CA PHE A 199 5.37 9.63 14.33
C PHE A 199 6.07 10.04 15.61
N LEU A 200 6.39 11.33 15.74
CA LEU A 200 6.90 11.85 17.01
C LEU A 200 5.91 11.58 18.14
N GLY A 201 4.61 11.72 17.86
CA GLY A 201 3.61 11.61 18.91
C GLY A 201 3.47 10.22 19.47
N THR A 202 3.77 9.20 18.67
CA THR A 202 3.69 7.82 19.12
C THR A 202 5.01 7.31 19.69
N GLY A 203 6.12 7.97 19.38
CA GLY A 203 7.44 7.49 19.74
C GLY A 203 8.21 6.86 18.61
N HIS A 204 7.56 6.60 17.47
CA HIS A 204 8.27 6.03 16.33
C HIS A 204 9.44 6.91 15.92
N PHE A 205 9.28 8.23 15.98
CA PHE A 205 10.40 9.14 15.80
C PHE A 205 10.88 9.67 17.15
N PRO A 206 12.19 9.84 17.36
CA PRO A 206 13.31 9.60 16.44
C PRO A 206 13.92 8.21 16.62
N ALA A 207 13.41 7.42 17.56
CA ALA A 207 14.04 6.15 17.89
C ALA A 207 14.00 5.19 16.70
N TYR A 208 12.82 4.99 16.11
CA TYR A 208 12.63 4.02 15.05
C TYR A 208 12.56 4.66 13.67
N ARG A 209 13.18 5.84 13.51
CA ARG A 209 13.16 6.53 12.21
C ARG A 209 13.61 5.60 11.09
N ASP A 210 14.66 4.81 11.32
CA ASP A 210 15.18 3.94 10.28
C ASP A 210 14.28 2.75 9.97
N GLN A 211 13.14 2.62 10.65
CA GLN A 211 12.15 1.61 10.33
C GLN A 211 11.02 2.14 9.46
N VAL A 212 11.07 3.42 9.08
CA VAL A 212 9.98 4.10 8.40
C VAL A 212 10.44 4.55 7.02
N TRP A 213 9.62 4.29 6.01
CA TRP A 213 9.84 4.77 4.66
C TRP A 213 9.27 6.17 4.51
N ALA A 214 10.06 7.08 3.93
CA ALA A 214 9.60 8.43 3.63
C ALA A 214 9.16 8.52 2.17
N ILE A 215 8.17 9.38 1.93
CA ILE A 215 7.68 9.62 0.57
C ILE A 215 8.44 10.82 0.02
N ALA A 216 9.24 10.58 -1.02
CA ALA A 216 10.13 11.61 -1.54
C ALA A 216 9.36 12.81 -2.06
N GLU A 217 9.98 13.98 -1.93
CA GLU A 217 9.41 15.25 -2.38
C GLU A 217 8.10 15.56 -1.67
N THR A 218 7.91 15.01 -0.47
CA THR A 218 6.80 15.40 0.40
C THR A 218 7.33 15.47 1.83
N ASP A 219 6.49 16.01 2.71
CA ASP A 219 6.73 15.96 4.15
C ASP A 219 6.00 14.79 4.81
N LEU A 220 5.82 13.70 4.06
CA LEU A 220 5.03 12.57 4.50
C LEU A 220 5.91 11.33 4.65
N TYR A 221 5.49 10.44 5.55
CA TYR A 221 6.14 9.16 5.77
C TYR A 221 5.07 8.07 5.80
N LEU A 222 5.42 6.88 5.32
CA LEU A 222 4.50 5.76 5.35
C LEU A 222 4.47 5.15 6.74
N THR A 223 3.27 4.85 7.23
CA THR A 223 3.09 4.34 8.58
C THR A 223 3.27 2.83 8.60
N GLY A 224 4.04 2.33 9.57
CA GLY A 224 4.14 0.90 9.79
C GLY A 224 3.01 0.32 10.59
N THR A 225 2.11 1.16 11.09
CA THR A 225 0.97 0.71 11.88
C THR A 225 -0.04 1.84 11.94
N ALA A 226 -1.32 1.46 11.95
CA ALA A 226 -2.38 2.45 12.09
C ALA A 226 -2.33 3.18 13.42
N GLU A 227 -1.57 2.64 14.38
CA GLU A 227 -1.33 3.35 15.64
C GLU A 227 -0.93 4.80 15.41
N VAL A 228 -0.11 5.04 14.38
CA VAL A 228 0.40 6.39 14.15
C VAL A 228 -0.72 7.36 13.82
N VAL A 229 -1.70 6.90 13.03
CA VAL A 229 -2.81 7.77 12.65
C VAL A 229 -3.80 7.89 13.80
N LEU A 230 -4.12 6.77 14.45
CA LEU A 230 -5.12 6.80 15.53
C LEU A 230 -4.64 7.65 16.71
N ASN A 231 -3.36 7.56 17.05
CA ASN A 231 -2.85 8.33 18.17
C ASN A 231 -2.82 9.83 17.86
N ALA A 232 -2.69 10.19 16.58
CA ALA A 232 -2.54 11.58 16.18
C ALA A 232 -3.86 12.30 15.98
N LEU A 233 -4.98 11.57 15.89
CA LEU A 233 -6.25 12.19 15.54
C LEU A 233 -6.63 13.30 16.50
N HIS A 234 -6.47 13.07 17.80
CA HIS A 234 -6.98 13.98 18.82
C HIS A 234 -5.92 14.90 19.39
N SER A 235 -4.76 15.00 18.74
CA SER A 235 -3.74 15.94 19.18
C SER A 235 -4.31 17.34 19.30
N GLY A 236 -4.09 17.98 20.45
CA GLY A 236 -4.50 19.34 20.68
C GLY A 236 -5.91 19.52 21.21
N GLU A 237 -6.70 18.45 21.28
CA GLU A 237 -8.05 18.52 21.82
C GLU A 237 -8.03 18.16 23.31
N ILE A 238 -8.92 18.80 24.07
CA ILE A 238 -9.21 18.42 25.44
C ILE A 238 -10.45 17.55 25.38
N LEU A 239 -10.29 16.25 25.54
CA LEU A 239 -11.42 15.34 25.42
C LEU A 239 -12.27 15.38 26.69
N PRO A 240 -13.59 15.23 26.56
CA PRO A 240 -14.44 15.18 27.75
C PRO A 240 -14.33 13.83 28.45
N TYR A 241 -14.38 13.87 29.79
CA TYR A 241 -14.31 12.65 30.59
C TYR A 241 -15.34 11.63 30.12
N GLU A 242 -16.54 12.08 29.76
CA GLU A 242 -17.62 11.16 29.42
C GLU A 242 -17.30 10.38 28.15
N ALA A 243 -16.56 10.98 27.22
CA ALA A 243 -16.17 10.30 25.99
C ALA A 243 -15.15 9.19 26.23
N LEU A 244 -14.52 9.14 27.42
CA LEU A 244 -13.48 8.17 27.68
C LEU A 244 -14.08 6.88 28.25
N PRO A 245 -13.50 5.72 27.91
CA PRO A 245 -12.30 5.51 27.08
C PRO A 245 -12.65 5.54 25.60
N LEU A 246 -11.73 6.02 24.75
CA LEU A 246 -11.90 5.93 23.31
C LEU A 246 -11.38 4.57 22.84
N ARG A 247 -12.20 3.86 22.06
CA ARG A 247 -11.87 2.54 21.55
C ARG A 247 -11.96 2.57 20.04
N TYR A 248 -10.83 2.45 19.36
CA TYR A 248 -10.75 2.55 17.91
C TYR A 248 -10.21 1.26 17.33
N ALA A 249 -10.85 0.79 16.26
CA ALA A 249 -10.40 -0.35 15.47
C ALA A 249 -10.09 0.17 14.07
N GLY A 250 -8.88 0.72 13.91
CA GLY A 250 -8.49 1.31 12.64
C GLY A 250 -7.79 0.30 11.74
N TYR A 251 -8.28 0.20 10.50
CA TYR A 251 -7.62 -0.60 9.48
C TYR A 251 -6.82 0.29 8.55
N ALA A 252 -5.65 -0.19 8.13
CA ALA A 252 -4.85 0.52 7.15
C ALA A 252 -3.72 -0.37 6.65
N PRO A 253 -3.33 -0.28 5.39
CA PRO A 253 -2.11 -0.94 4.94
C PRO A 253 -0.92 -0.43 5.74
N ALA A 254 0.05 -1.30 5.96
CA ALA A 254 1.21 -1.00 6.79
C ALA A 254 2.48 -1.15 5.96
N PHE A 255 3.43 -0.25 6.18
CA PHE A 255 4.67 -0.20 5.42
C PHE A 255 5.84 -0.15 6.39
N ARG A 256 6.84 -1.01 6.17
CA ARG A 256 8.01 -1.04 7.02
C ARG A 256 9.27 -1.19 6.17
N SER A 257 10.27 -0.34 6.47
CA SER A 257 11.49 -0.31 5.68
C SER A 257 12.31 -1.57 5.90
N GLU A 258 12.33 -2.08 7.13
CA GLU A 258 13.09 -3.28 7.49
C GLU A 258 12.12 -4.44 7.60
N ALA A 259 12.22 -5.39 6.67
CA ALA A 259 11.44 -6.62 6.70
C ALA A 259 12.36 -7.83 6.79
N GLY A 260 13.54 -7.64 7.36
CA GLY A 260 14.53 -8.68 7.46
C GLY A 260 15.27 -8.89 6.15
N SER A 261 15.99 -10.01 6.07
CA SER A 261 16.76 -10.36 4.88
C SER A 261 16.27 -11.68 4.30
N PHE A 262 16.79 -12.81 4.79
CA PHE A 262 16.41 -14.12 4.31
C PHE A 262 16.33 -15.09 5.48
N GLY A 263 15.78 -16.26 5.22
CA GLY A 263 15.67 -17.32 6.19
C GLY A 263 14.22 -17.58 6.58
N LYS A 264 14.06 -18.57 7.46
CA LYS A 264 12.72 -18.94 7.91
C LYS A 264 12.05 -17.82 8.71
N ASP A 265 12.83 -16.88 9.25
CA ASP A 265 12.26 -15.79 10.03
C ASP A 265 11.51 -14.78 9.17
N VAL A 266 11.72 -14.79 7.86
CA VAL A 266 11.13 -13.78 6.99
C VAL A 266 10.52 -14.43 5.75
N ARG A 267 10.87 -15.70 5.52
CA ARG A 267 10.49 -16.34 4.27
C ARG A 267 8.98 -16.38 4.12
N GLY A 268 8.53 -16.22 2.88
CA GLY A 268 7.12 -16.33 2.56
C GLY A 268 6.30 -15.15 3.05
N LEU A 269 5.31 -15.42 3.90
CA LEU A 269 4.40 -14.41 4.40
C LEU A 269 4.81 -13.87 5.76
N MET A 270 5.97 -14.28 6.28
CA MET A 270 6.29 -14.01 7.67
C MET A 270 6.66 -12.55 7.90
N ARG A 271 7.53 -12.00 7.07
CA ARG A 271 7.97 -10.61 7.24
C ARG A 271 8.15 -9.96 5.87
N VAL A 272 7.42 -8.88 5.63
CA VAL A 272 7.37 -8.23 4.33
C VAL A 272 7.31 -6.72 4.54
N HIS A 273 7.57 -5.98 3.45
CA HIS A 273 7.62 -4.52 3.55
C HIS A 273 6.23 -3.93 3.71
N GLN A 274 5.25 -4.45 2.98
CA GLN A 274 3.89 -3.94 3.01
C GLN A 274 2.95 -5.06 3.44
N PHE A 275 2.02 -4.74 4.34
CA PHE A 275 1.03 -5.71 4.78
C PHE A 275 -0.23 -4.98 5.22
N HIS A 276 -1.22 -5.74 5.64
CA HIS A 276 -2.50 -5.21 6.11
C HIS A 276 -2.64 -5.49 7.60
N LYS A 277 -3.09 -4.48 8.35
CA LYS A 277 -3.27 -4.65 9.79
C LYS A 277 -4.50 -3.90 10.27
N VAL A 278 -5.28 -4.58 11.11
CA VAL A 278 -6.36 -3.96 11.89
C VAL A 278 -5.83 -3.70 13.28
N GLU A 279 -5.92 -2.45 13.73
CA GLU A 279 -5.26 -2.00 14.96
C GLU A 279 -6.29 -1.68 16.03
N GLN A 280 -6.09 -2.24 17.23
CA GLN A 280 -6.83 -1.80 18.41
C GLN A 280 -6.06 -0.66 19.05
N TYR A 281 -6.76 0.45 19.31
CA TYR A 281 -6.18 1.61 19.97
C TYR A 281 -7.17 2.13 20.98
N VAL A 282 -6.73 2.27 22.23
CA VAL A 282 -7.58 2.77 23.31
C VAL A 282 -6.91 3.98 23.94
N LEU A 283 -7.69 5.03 24.14
CA LEU A 283 -7.29 6.21 24.89
C LEU A 283 -8.20 6.29 26.11
N THR A 284 -7.60 6.37 27.30
CA THR A 284 -8.35 6.26 28.54
C THR A 284 -7.86 7.32 29.52
N GLU A 285 -8.55 7.42 30.65
CA GLU A 285 -8.19 8.39 31.67
C GLU A 285 -6.88 7.99 32.34
N ALA A 286 -6.30 8.94 33.06
CA ALA A 286 -4.95 8.78 33.62
C ALA A 286 -5.02 8.05 34.97
N SER A 287 -5.39 6.78 34.90
CA SER A 287 -5.40 5.93 36.08
C SER A 287 -4.92 4.53 35.71
N LEU A 288 -4.15 3.92 36.61
N LEU A 288 -4.14 3.93 36.61
CA LEU A 288 -3.67 2.56 36.37
CA LEU A 288 -3.68 2.56 36.39
C LEU A 288 -4.83 1.57 36.28
C LEU A 288 -4.83 1.59 36.26
N GLU A 289 -5.92 1.83 37.01
CA GLU A 289 -7.08 0.94 36.93
C GLU A 289 -7.66 0.94 35.53
N ALA A 290 -7.88 2.13 34.97
CA ALA A 290 -8.45 2.22 33.63
C ALA A 290 -7.52 1.60 32.60
N SER A 291 -6.21 1.79 32.75
CA SER A 291 -5.25 1.24 31.80
C SER A 291 -5.21 -0.28 31.90
N ASP A 292 -5.14 -0.83 33.12
CA ASP A 292 -5.14 -2.28 33.27
C ASP A 292 -6.40 -2.90 32.68
N ARG A 293 -7.55 -2.27 32.89
CA ARG A 293 -8.78 -2.77 32.30
C ARG A 293 -8.69 -2.79 30.78
N ALA A 294 -8.18 -1.71 30.18
CA ALA A 294 -8.06 -1.64 28.73
C ALA A 294 -7.07 -2.67 28.22
N PHE A 295 -5.89 -2.75 28.84
CA PHE A 295 -4.90 -3.76 28.49
C PHE A 295 -5.53 -5.14 28.44
N GLN A 296 -6.24 -5.52 29.50
CA GLN A 296 -6.90 -6.82 29.54
C GLN A 296 -7.88 -6.97 28.37
N GLU A 297 -8.63 -5.91 28.06
CA GLU A 297 -9.58 -5.99 26.96
C GLU A 297 -8.86 -6.23 25.63
N LEU A 298 -7.75 -5.52 25.39
CA LEU A 298 -7.02 -5.70 24.15
C LEU A 298 -6.50 -7.12 24.01
N LEU A 299 -6.04 -7.72 25.11
CA LEU A 299 -5.62 -9.12 25.07
C LEU A 299 -6.79 -10.02 24.68
N GLU A 300 -7.87 -9.96 25.46
CA GLU A 300 -8.99 -10.88 25.23
C GLU A 300 -9.53 -10.77 23.82
N ASN A 301 -9.55 -9.56 23.26
CA ASN A 301 -10.00 -9.39 21.88
C ASN A 301 -9.12 -10.19 20.93
N ALA A 302 -7.81 -9.97 20.98
CA ALA A 302 -6.89 -10.73 20.14
C ALA A 302 -6.99 -12.22 20.44
N GLU A 303 -7.08 -12.59 21.72
CA GLU A 303 -7.21 -14.00 22.07
C GLU A 303 -8.49 -14.59 21.50
N GLU A 304 -9.61 -13.88 21.61
CA GLU A 304 -10.86 -14.39 21.07
C GLU A 304 -10.83 -14.43 19.55
N ILE A 305 -10.08 -13.53 18.90
CA ILE A 305 -9.89 -13.61 17.46
C ILE A 305 -9.12 -14.89 17.12
N LEU A 306 -8.05 -15.17 17.85
CA LEU A 306 -7.29 -16.39 17.59
C LEU A 306 -8.09 -17.63 17.95
N ARG A 307 -8.90 -17.55 19.00
CA ARG A 307 -9.79 -18.66 19.33
C ARG A 307 -10.74 -18.95 18.17
N LEU A 308 -11.39 -17.91 17.64
CA LEU A 308 -12.29 -18.09 16.51
C LEU A 308 -11.53 -18.53 15.27
N LEU A 309 -10.25 -18.17 15.14
CA LEU A 309 -9.43 -18.66 14.05
C LEU A 309 -8.92 -20.08 14.30
N GLU A 310 -9.23 -20.66 15.46
CA GLU A 310 -8.86 -22.04 15.76
C GLU A 310 -7.35 -22.25 15.65
N LEU A 311 -6.61 -21.35 16.29
CA LEU A 311 -5.16 -21.35 16.27
C LEU A 311 -4.61 -21.50 17.68
N PRO A 312 -3.62 -22.36 17.90
CA PRO A 312 -2.94 -22.40 19.21
C PRO A 312 -2.00 -21.21 19.36
N TYR A 313 -2.13 -20.49 20.47
CA TYR A 313 -1.33 -19.31 20.73
C TYR A 313 -0.75 -19.37 22.13
N ARG A 314 0.05 -18.36 22.47
CA ARG A 314 0.57 -18.20 23.82
C ARG A 314 0.81 -16.72 24.07
N LEU A 315 0.75 -16.33 25.34
CA LEU A 315 1.08 -14.98 25.76
C LEU A 315 2.50 -14.94 26.30
N VAL A 316 3.18 -13.81 26.08
CA VAL A 316 4.56 -13.65 26.49
C VAL A 316 4.73 -12.26 27.08
N GLU A 317 5.08 -12.21 28.37
CA GLU A 317 5.47 -10.95 28.98
C GLU A 317 6.82 -10.52 28.41
N VAL A 318 6.90 -9.28 27.96
CA VAL A 318 8.09 -8.78 27.28
C VAL A 318 8.99 -8.11 28.31
N ALA A 319 10.28 -8.44 28.29
CA ALA A 319 11.22 -7.89 29.24
C ALA A 319 11.51 -6.43 28.94
N THR A 320 12.08 -5.74 29.93
CA THR A 320 12.29 -4.30 29.80
C THR A 320 13.17 -3.96 28.60
N GLY A 321 14.24 -4.73 28.38
CA GLY A 321 15.16 -4.45 27.30
C GLY A 321 14.64 -4.75 25.91
N ASP A 322 13.54 -5.51 25.82
CA ASP A 322 12.89 -5.80 24.55
C ASP A 322 11.54 -5.10 24.46
N MET A 323 11.32 -4.11 25.30
CA MET A 323 9.99 -3.55 25.55
C MET A 323 9.73 -2.26 24.78
N GLY A 324 10.76 -1.45 24.55
CA GLY A 324 10.60 -0.15 23.95
C GLY A 324 10.62 0.93 25.00
N PRO A 325 11.07 2.14 24.62
CA PRO A 325 11.26 3.18 25.64
C PRO A 325 9.97 3.67 26.27
N GLY A 326 8.90 3.79 25.49
CA GLY A 326 7.66 4.35 25.97
C GLY A 326 6.70 3.39 26.63
N LYS A 327 7.05 2.11 26.71
CA LYS A 327 6.10 1.10 27.15
C LYS A 327 6.14 0.93 28.67
N TRP A 328 4.95 0.92 29.28
CA TRP A 328 4.78 0.52 30.66
C TRP A 328 4.76 -0.99 30.79
N ARG A 329 3.97 -1.66 29.95
CA ARG A 329 3.91 -3.11 29.91
C ARG A 329 3.69 -3.52 28.46
N GLN A 330 4.29 -4.64 28.06
CA GLN A 330 4.05 -5.17 26.73
C GLN A 330 3.91 -6.69 26.81
N VAL A 331 2.82 -7.19 26.25
CA VAL A 331 2.57 -8.62 26.12
C VAL A 331 2.44 -8.93 24.63
N ASP A 332 3.32 -9.78 24.12
CA ASP A 332 3.18 -10.30 22.77
C ASP A 332 2.34 -11.57 22.80
N ILE A 333 1.56 -11.77 21.74
CA ILE A 333 0.83 -12.99 21.51
C ILE A 333 1.48 -13.70 20.32
N GLU A 334 1.84 -14.96 20.51
CA GLU A 334 2.51 -15.74 19.48
C GLU A 334 1.65 -16.96 19.16
N VAL A 335 1.67 -17.36 17.89
CA VAL A 335 0.89 -18.49 17.40
C VAL A 335 1.85 -19.57 16.93
N TYR A 336 1.44 -20.82 17.12
CA TYR A 336 2.32 -21.96 16.88
C TYR A 336 2.41 -22.25 15.38
N LEU A 337 3.64 -22.52 14.93
CA LEU A 337 3.91 -22.79 13.52
C LEU A 337 4.54 -24.18 13.41
N PRO A 338 3.76 -25.21 13.06
CA PRO A 338 4.28 -26.59 13.19
C PRO A 338 5.61 -26.85 12.50
N SER A 339 5.77 -26.42 11.24
CA SER A 339 6.99 -26.72 10.51
C SER A 339 8.23 -26.32 11.30
N GLU A 340 8.17 -25.16 11.98
CA GLU A 340 9.28 -24.70 12.81
C GLU A 340 9.22 -25.22 14.24
N GLY A 341 8.11 -25.84 14.64
CA GLY A 341 7.98 -26.26 16.03
C GLY A 341 8.25 -25.16 17.03
N ARG A 342 7.82 -23.94 16.73
CA ARG A 342 7.96 -22.82 17.65
C ARG A 342 6.76 -21.90 17.48
N TYR A 343 6.67 -20.92 18.37
CA TYR A 343 5.61 -19.92 18.34
C TYR A 343 6.12 -18.65 17.67
N ARG A 344 5.28 -18.02 16.86
CA ARG A 344 5.61 -16.80 16.14
C ARG A 344 4.70 -15.66 16.56
N GLU A 345 5.30 -14.50 16.78
CA GLU A 345 4.58 -13.31 17.19
C GLU A 345 3.56 -12.90 16.13
N THR A 346 2.32 -12.71 16.56
CA THR A 346 1.25 -12.23 15.71
C THR A 346 0.59 -10.96 16.22
N HIS A 347 0.54 -10.74 17.54
CA HIS A 347 0.03 -9.52 18.12
C HIS A 347 1.04 -8.99 19.13
N SER A 348 0.96 -7.69 19.39
CA SER A 348 1.84 -7.03 20.33
C SER A 348 1.01 -5.99 21.08
N CYS A 349 0.82 -6.20 22.37
CA CYS A 349 -0.11 -5.43 23.19
C CYS A 349 0.67 -4.57 24.17
N SER A 350 0.44 -3.25 24.12
CA SER A 350 1.26 -2.31 24.85
C SER A 350 0.42 -1.32 25.64
N ALA A 351 0.94 -0.94 26.80
CA ALA A 351 0.44 0.17 27.59
C ALA A 351 1.57 1.19 27.73
N LEU A 352 1.26 2.46 27.51
CA LEU A 352 2.28 3.50 27.50
C LEU A 352 1.97 4.62 28.48
N LEU A 353 0.94 4.47 29.31
CA LEU A 353 0.54 5.50 30.27
C LEU A 353 0.40 6.81 29.49
N ASP A 354 1.00 7.90 29.94
CA ASP A 354 0.90 9.19 29.26
C ASP A 354 2.17 9.53 28.48
N TRP A 355 3.00 8.52 28.19
CA TRP A 355 4.25 8.77 27.47
C TRP A 355 3.97 9.23 26.04
N GLN A 356 2.95 8.65 25.40
CA GLN A 356 2.53 9.11 24.09
C GLN A 356 1.67 10.36 24.20
N ALA A 357 0.81 10.43 25.22
CA ALA A 357 -0.05 11.59 25.39
C ALA A 357 0.75 12.87 25.53
N ARG A 358 1.89 12.80 26.23
CA ARG A 358 2.73 13.99 26.40
C ARG A 358 3.47 14.36 25.12
N ARG A 359 3.65 13.41 24.20
CA ARG A 359 4.25 13.71 22.90
C ARG A 359 3.21 14.21 21.91
N ALA A 360 2.05 13.56 21.84
CA ALA A 360 1.01 13.88 20.89
C ALA A 360 0.03 14.92 21.42
N ASN A 361 0.23 15.42 22.64
CA ASN A 361 -0.65 16.41 23.25
C ASN A 361 -2.08 15.87 23.34
N LEU A 362 -2.22 14.69 23.95
CA LEU A 362 -3.51 14.05 24.15
C LEU A 362 -3.94 14.32 25.60
N ARG A 363 -4.95 15.16 25.76
CA ARG A 363 -5.40 15.59 27.07
C ARG A 363 -6.91 15.38 27.19
N TYR A 364 -7.36 15.26 28.44
CA TYR A 364 -8.78 15.16 28.75
C TYR A 364 -9.04 15.98 30.01
N ARG A 365 -10.32 16.26 30.24
CA ARG A 365 -10.77 16.97 31.43
C ARG A 365 -11.37 15.94 32.39
N ASP A 366 -10.82 15.86 33.59
CA ASP A 366 -11.29 14.87 34.55
C ASP A 366 -12.50 15.41 35.30
N PRO A 367 -13.17 14.57 36.09
CA PRO A 367 -14.42 15.01 36.73
C PRO A 367 -14.26 16.23 37.61
N GLU A 368 -13.06 16.52 38.12
CA GLU A 368 -12.83 17.69 38.93
C GLU A 368 -12.62 18.95 38.09
N GLY A 369 -12.61 18.83 36.77
CA GLY A 369 -12.40 19.97 35.89
C GLY A 369 -10.95 20.24 35.55
N ARG A 370 -10.05 19.32 35.85
CA ARG A 370 -8.62 19.53 35.68
C ARG A 370 -8.15 18.90 34.37
N VAL A 371 -7.38 19.65 33.60
CA VAL A 371 -6.83 19.15 32.35
C VAL A 371 -5.64 18.23 32.68
N ARG A 372 -5.72 16.98 32.22
CA ARG A 372 -4.71 15.99 32.49
C ARG A 372 -4.34 15.26 31.20
N TYR A 373 -3.12 14.76 31.14
CA TYR A 373 -2.68 13.94 30.01
C TYR A 373 -3.33 12.57 30.10
N ALA A 374 -3.87 12.09 28.98
CA ALA A 374 -4.56 10.82 28.95
C ALA A 374 -3.55 9.67 28.95
N TYR A 375 -4.07 8.45 29.04
CA TYR A 375 -3.29 7.24 28.89
C TYR A 375 -3.65 6.57 27.56
N THR A 376 -2.63 6.02 26.89
CA THR A 376 -2.81 5.38 25.59
C THR A 376 -2.42 3.92 25.66
N LEU A 377 -3.16 3.09 24.92
CA LEU A 377 -2.83 1.69 24.75
C LEU A 377 -3.06 1.32 23.30
N ASN A 378 -2.43 0.22 22.87
CA ASN A 378 -2.70 -0.31 21.55
C ASN A 378 -2.36 -1.79 21.53
N ASN A 379 -3.00 -2.51 20.62
CA ASN A 379 -2.70 -3.90 20.38
C ASN A 379 -3.18 -4.25 18.97
N THR A 380 -2.44 -5.12 18.31
CA THR A 380 -2.91 -5.71 17.07
C THR A 380 -4.27 -6.35 17.28
N ALA A 381 -5.17 -6.17 16.32
CA ALA A 381 -6.38 -6.98 16.24
C ALA A 381 -6.11 -8.19 15.36
N LEU A 382 -5.69 -7.94 14.12
CA LEU A 382 -5.25 -8.99 13.22
C LEU A 382 -4.45 -8.35 12.10
N ALA A 383 -3.32 -8.97 11.76
CA ALA A 383 -2.49 -8.50 10.66
C ALA A 383 -2.26 -9.65 9.69
N THR A 384 -2.50 -9.39 8.42
CA THR A 384 -2.14 -10.32 7.36
C THR A 384 -0.90 -9.81 6.65
N PRO A 385 -0.11 -10.68 6.01
CA PRO A 385 -0.35 -12.11 5.78
C PRO A 385 0.34 -13.02 6.77
N ARG A 386 0.97 -12.50 7.83
CA ARG A 386 1.69 -13.38 8.76
C ARG A 386 0.75 -14.41 9.36
N ILE A 387 -0.46 -14.00 9.73
CA ILE A 387 -1.41 -14.93 10.32
C ILE A 387 -1.79 -16.03 9.35
N LEU A 388 -1.67 -15.78 8.04
CA LEU A 388 -1.95 -16.82 7.06
C LEU A 388 -0.93 -17.94 7.10
N ALA A 389 0.32 -17.63 7.46
CA ALA A 389 1.34 -18.67 7.57
C ALA A 389 0.93 -19.70 8.62
N MET A 390 0.44 -19.23 9.77
CA MET A 390 -0.01 -20.15 10.81
C MET A 390 -1.29 -20.87 10.39
N LEU A 391 -2.24 -20.13 9.81
CA LEU A 391 -3.49 -20.75 9.38
C LEU A 391 -3.23 -21.90 8.41
N LEU A 392 -2.36 -21.69 7.43
CA LEU A 392 -2.10 -22.73 6.44
C LEU A 392 -1.53 -23.98 7.09
N GLU A 393 -0.51 -23.82 7.93
CA GLU A 393 0.15 -24.99 8.51
C GLU A 393 -0.73 -25.69 9.54
N ASN A 394 -1.48 -24.94 10.34
CA ASN A 394 -2.29 -25.55 11.38
C ASN A 394 -3.53 -26.23 10.81
N HIS A 395 -4.07 -25.74 9.69
CA HIS A 395 -5.33 -26.24 9.15
C HIS A 395 -5.15 -27.02 7.86
N GLN A 396 -3.93 -27.43 7.55
CA GLN A 396 -3.69 -28.20 6.33
C GLN A 396 -4.26 -29.61 6.45
N LEU A 397 -4.76 -30.12 5.34
CA LEU A 397 -5.25 -31.48 5.25
C LEU A 397 -4.16 -32.39 4.69
N GLN A 398 -4.46 -33.69 4.62
CA GLN A 398 -3.48 -34.66 4.15
C GLN A 398 -3.19 -34.46 2.66
N ASP A 399 -4.24 -34.25 1.85
CA ASP A 399 -4.06 -34.08 0.41
C ASP A 399 -3.42 -32.74 0.05
N GLY A 400 -3.22 -31.84 1.02
CA GLY A 400 -2.57 -30.57 0.79
C GLY A 400 -3.49 -29.38 0.79
N ARG A 401 -4.80 -29.58 0.86
CA ARG A 401 -5.73 -28.48 0.98
C ARG A 401 -5.65 -27.88 2.38
N VAL A 402 -6.38 -26.80 2.60
CA VAL A 402 -6.40 -26.10 3.88
C VAL A 402 -7.86 -25.80 4.23
N ARG A 403 -8.32 -26.28 5.37
N ARG A 403 -8.31 -26.25 5.39
CA ARG A 403 -9.70 -26.03 5.75
CA ARG A 403 -9.67 -26.05 5.83
C ARG A 403 -9.84 -24.63 6.33
C ARG A 403 -9.84 -24.64 6.40
N VAL A 404 -11.09 -24.19 6.44
CA VAL A 404 -11.43 -22.85 6.92
C VAL A 404 -12.11 -22.99 8.27
N PRO A 405 -11.65 -22.28 9.30
CA PRO A 405 -12.34 -22.35 10.60
C PRO A 405 -13.79 -21.90 10.47
N GLN A 406 -14.64 -22.42 11.36
CA GLN A 406 -16.06 -22.14 11.31
C GLN A 406 -16.34 -20.64 11.25
N ALA A 407 -15.62 -19.85 12.05
CA ALA A 407 -15.86 -18.41 12.12
C ALA A 407 -15.65 -17.73 10.77
N LEU A 408 -14.92 -18.36 9.85
CA LEU A 408 -14.59 -17.76 8.56
C LEU A 408 -15.35 -18.37 7.39
N ILE A 409 -16.14 -19.42 7.61
CA ILE A 409 -16.93 -19.99 6.52
C ILE A 409 -17.89 -18.96 5.94
N PRO A 410 -18.62 -18.18 6.74
CA PRO A 410 -19.52 -17.18 6.14
C PRO A 410 -18.79 -16.15 5.30
N TYR A 411 -17.52 -15.88 5.60
CA TYR A 411 -16.75 -14.91 4.82
C TYR A 411 -16.15 -15.52 3.56
N MET A 412 -15.95 -16.83 3.53
CA MET A 412 -15.34 -17.50 2.39
C MET A 412 -16.33 -18.26 1.52
N GLY A 413 -17.49 -18.65 2.06
CA GLY A 413 -18.45 -19.40 1.28
C GLY A 413 -18.06 -20.83 1.02
N LYS A 414 -17.07 -21.36 1.73
CA LYS A 414 -16.62 -22.73 1.53
C LYS A 414 -15.93 -23.21 2.80
N GLU A 415 -15.93 -24.52 3.00
CA GLU A 415 -15.31 -25.11 4.17
C GLU A 415 -13.83 -25.42 3.97
N VAL A 416 -13.38 -25.58 2.73
CA VAL A 416 -11.99 -25.92 2.42
C VAL A 416 -11.54 -25.05 1.25
N LEU A 417 -10.33 -24.50 1.38
CA LEU A 417 -9.77 -23.68 0.33
C LEU A 417 -9.39 -24.54 -0.87
N GLU A 418 -9.95 -24.23 -2.03
CA GLU A 418 -9.59 -24.99 -3.22
C GLU A 418 -8.36 -24.39 -3.90
N PRO A 419 -7.56 -25.21 -4.57
CA PRO A 419 -6.36 -24.69 -5.23
C PRO A 419 -6.68 -24.07 -6.59
N CYS A 420 -5.71 -23.30 -7.08
CA CYS A 420 -5.77 -22.71 -8.42
C CYS A 420 -4.87 -23.47 -9.39
N GLY A 421 -3.56 -23.47 -9.13
CA GLY A 421 -2.61 -24.19 -9.97
C GLY A 421 -2.01 -25.38 -9.25
N MET B 1 5.59 1.18 -26.23
CA MET B 1 6.67 0.93 -27.21
C MET B 1 6.03 0.43 -28.50
N VAL B 2 6.44 0.97 -29.64
CA VAL B 2 5.93 0.53 -30.92
C VAL B 2 6.99 -0.30 -31.61
N ASP B 3 6.55 -1.06 -32.61
CA ASP B 3 7.46 -1.85 -33.43
C ASP B 3 8.38 -0.93 -34.21
N LEU B 4 9.68 -1.00 -33.94
CA LEU B 4 10.64 -0.13 -34.61
C LEU B 4 10.64 -0.38 -36.11
N LYS B 5 10.55 -1.66 -36.52
CA LYS B 5 10.48 -1.97 -37.93
C LYS B 5 9.22 -1.39 -38.57
N ARG B 6 8.10 -1.42 -37.84
CA ARG B 6 6.88 -0.80 -38.35
C ARG B 6 6.99 0.72 -38.34
N LEU B 7 7.73 1.28 -37.39
CA LEU B 7 7.90 2.73 -37.33
C LEU B 7 8.67 3.24 -38.54
N ARG B 8 9.69 2.50 -38.97
CA ARG B 8 10.50 2.93 -40.11
C ARG B 8 9.71 2.89 -41.41
N GLN B 9 8.80 1.92 -41.56
CA GLN B 9 8.13 1.70 -42.83
C GLN B 9 6.80 2.45 -42.95
N GLU B 10 6.18 2.84 -41.84
CA GLU B 10 4.93 3.61 -41.88
C GLU B 10 5.04 4.83 -40.97
N PRO B 11 6.10 5.64 -41.12
CA PRO B 11 6.32 6.72 -40.15
C PRO B 11 5.19 7.74 -40.11
N GLU B 12 4.60 8.09 -41.26
CA GLU B 12 3.51 9.05 -41.24
C GLU B 12 2.32 8.56 -40.42
N VAL B 13 2.15 7.23 -40.33
CA VAL B 13 1.11 6.69 -39.45
C VAL B 13 1.35 7.12 -38.02
N PHE B 14 2.61 7.06 -37.58
CA PHE B 14 2.93 7.42 -36.20
C PHE B 14 3.05 8.92 -36.02
N HIS B 15 3.44 9.66 -37.06
CA HIS B 15 3.44 11.12 -36.94
C HIS B 15 2.03 11.65 -36.77
N ARG B 16 1.07 11.05 -37.49
CA ARG B 16 -0.33 11.44 -37.31
C ARG B 16 -0.82 11.10 -35.90
N ALA B 17 -0.39 9.96 -35.37
CA ALA B 17 -0.75 9.61 -34.00
C ALA B 17 -0.18 10.61 -33.01
N ILE B 18 1.08 11.01 -33.19
CA ILE B 18 1.68 12.00 -32.31
C ILE B 18 0.82 13.26 -32.26
N ARG B 19 0.43 13.76 -33.42
CA ARG B 19 -0.35 14.99 -33.48
C ARG B 19 -1.69 14.81 -32.78
N GLU B 20 -2.43 13.76 -33.16
CA GLU B 20 -3.78 13.58 -32.61
C GLU B 20 -3.76 13.37 -31.11
N LYS B 21 -2.69 12.79 -30.58
CA LYS B 21 -2.58 12.54 -29.14
C LYS B 21 -1.83 13.64 -28.40
N GLY B 22 -1.40 14.68 -29.09
CA GLY B 22 -0.74 15.79 -28.43
C GLY B 22 0.59 15.44 -27.79
N VAL B 23 1.33 14.50 -28.37
CA VAL B 23 2.64 14.12 -27.85
C VAL B 23 3.68 15.05 -28.44
N ALA B 24 4.56 15.57 -27.58
CA ALA B 24 5.66 16.44 -28.01
C ALA B 24 6.85 15.56 -28.35
N LEU B 25 6.96 15.18 -29.62
CA LEU B 25 8.02 14.29 -30.05
C LEU B 25 8.44 14.61 -31.48
N ASP B 26 9.75 14.75 -31.69
CA ASP B 26 10.33 14.99 -33.02
C ASP B 26 10.57 13.63 -33.66
N LEU B 27 9.60 13.17 -34.44
CA LEU B 27 9.71 11.84 -35.04
C LEU B 27 10.88 11.77 -36.02
N GLU B 28 11.13 12.82 -36.78
CA GLU B 28 12.24 12.80 -37.72
C GLU B 28 13.57 12.67 -36.99
N ALA B 29 13.75 13.42 -35.91
CA ALA B 29 14.98 13.29 -35.13
C ALA B 29 15.11 11.88 -34.56
N LEU B 30 13.99 11.28 -34.15
CA LEU B 30 14.00 9.89 -33.74
C LEU B 30 14.50 9.00 -34.87
N LEU B 31 13.90 9.12 -36.04
CA LEU B 31 14.29 8.29 -37.18
C LEU B 31 15.75 8.53 -37.57
N ALA B 32 16.23 9.77 -37.42
CA ALA B 32 17.64 10.05 -37.70
C ALA B 32 18.55 9.30 -36.72
N LEU B 33 18.23 9.38 -35.43
CA LEU B 33 19.04 8.70 -34.43
C LEU B 33 19.00 7.19 -34.62
N ASP B 34 17.83 6.66 -34.98
CA ASP B 34 17.72 5.22 -35.24
C ASP B 34 18.68 4.79 -36.34
N ARG B 35 18.75 5.57 -37.43
CA ARG B 35 19.66 5.23 -38.51
C ARG B 35 21.11 5.28 -38.06
N GLU B 36 21.45 6.24 -37.19
CA GLU B 36 22.80 6.26 -36.61
C GLU B 36 23.08 5.00 -35.82
N VAL B 37 22.12 4.58 -34.98
CA VAL B 37 22.33 3.40 -34.15
C VAL B 37 22.51 2.16 -35.02
N GLN B 38 21.65 1.99 -36.02
CA GLN B 38 21.73 0.82 -36.88
C GLN B 38 23.06 0.78 -37.63
N GLU B 39 23.52 1.92 -38.12
CA GLU B 39 24.82 1.96 -38.79
C GLU B 39 25.93 1.58 -37.82
N LEU B 40 25.95 2.19 -36.64
CA LEU B 40 27.00 1.91 -35.66
C LEU B 40 27.00 0.45 -35.25
N LYS B 41 25.83 -0.19 -35.22
CA LYS B 41 25.79 -1.62 -34.94
C LYS B 41 26.51 -2.40 -36.03
N LYS B 42 26.23 -2.10 -37.31
CA LYS B 42 26.93 -2.77 -38.40
C LYS B 42 28.44 -2.68 -38.23
N ARG B 43 28.94 -1.50 -37.85
CA ARG B 43 30.37 -1.34 -37.63
C ARG B 43 30.85 -2.22 -36.49
N LEU B 44 30.18 -2.15 -35.35
CA LEU B 44 30.56 -2.96 -34.20
C LEU B 44 30.57 -4.43 -34.55
N GLN B 45 29.55 -4.91 -35.26
CA GLN B 45 29.49 -6.31 -35.65
C GLN B 45 30.66 -6.66 -36.58
N GLU B 46 31.09 -5.71 -37.41
CA GLU B 46 32.25 -5.94 -38.26
C GLU B 46 33.50 -6.16 -37.40
N VAL B 47 33.72 -5.30 -36.42
CA VAL B 47 34.86 -5.46 -35.52
C VAL B 47 34.74 -6.75 -34.73
N GLN B 48 33.53 -7.06 -34.26
CA GLN B 48 33.36 -8.25 -33.43
C GLN B 48 33.60 -9.52 -34.24
N THR B 49 33.25 -9.53 -35.52
CA THR B 49 33.55 -10.68 -36.36
C THR B 49 35.04 -10.91 -36.45
N GLU B 50 35.82 -9.84 -36.67
CA GLU B 50 37.27 -9.96 -36.68
C GLU B 50 37.79 -10.41 -35.33
N ARG B 51 37.30 -9.78 -34.24
CA ARG B 51 37.66 -10.21 -32.89
C ARG B 51 37.57 -11.73 -32.76
N ASN B 52 36.40 -12.29 -33.10
CA ASN B 52 36.20 -13.72 -32.92
C ASN B 52 37.12 -14.52 -33.83
N GLN B 53 37.34 -14.04 -35.05
CA GLN B 53 38.31 -14.67 -35.96
C GLN B 53 39.68 -14.77 -35.31
N VAL B 54 40.24 -13.62 -34.93
CA VAL B 54 41.59 -13.58 -34.37
C VAL B 54 41.69 -14.49 -33.15
N ALA B 55 40.68 -14.45 -32.28
CA ALA B 55 40.71 -15.29 -31.09
C ALA B 55 40.78 -16.77 -31.46
N LYS B 56 40.05 -17.17 -32.50
CA LYS B 56 40.06 -18.56 -32.92
C LYS B 56 41.41 -18.96 -33.50
N ARG B 57 42.14 -18.02 -34.09
CA ARG B 57 43.36 -18.31 -34.83
C ARG B 57 44.64 -18.00 -34.05
N VAL B 58 44.53 -17.63 -32.78
CA VAL B 58 45.73 -17.38 -31.98
C VAL B 58 46.31 -18.70 -31.48
N PRO B 59 45.50 -19.58 -30.85
CA PRO B 59 46.08 -20.80 -30.26
C PRO B 59 46.96 -21.56 -31.23
N LYS B 60 46.37 -22.05 -32.31
CA LYS B 60 47.11 -22.75 -33.37
C LYS B 60 47.65 -21.69 -34.33
N ALA B 61 48.85 -21.19 -34.05
CA ALA B 61 49.47 -20.15 -34.86
C ALA B 61 50.97 -20.22 -34.64
N PRO B 62 51.77 -19.89 -35.65
CA PRO B 62 53.23 -19.97 -35.50
C PRO B 62 53.74 -18.90 -34.54
N PRO B 63 54.66 -19.25 -33.64
CA PRO B 63 55.18 -18.25 -32.69
C PRO B 63 55.67 -16.97 -33.35
N GLU B 64 56.12 -17.03 -34.61
CA GLU B 64 56.64 -15.84 -35.27
C GLU B 64 55.54 -14.83 -35.52
N GLU B 65 54.32 -15.30 -35.79
CA GLU B 65 53.15 -14.44 -35.95
C GLU B 65 52.38 -14.25 -34.65
N LYS B 66 52.51 -15.18 -33.71
CA LYS B 66 51.75 -15.15 -32.47
C LYS B 66 51.72 -13.75 -31.86
N GLU B 67 52.89 -13.13 -31.69
CA GLU B 67 52.93 -11.80 -31.09
C GLU B 67 52.11 -10.80 -31.88
N ALA B 68 52.23 -10.83 -33.21
CA ALA B 68 51.53 -9.85 -34.04
C ALA B 68 50.02 -10.10 -34.04
N LEU B 69 49.61 -11.36 -33.96
CA LEU B 69 48.19 -11.68 -33.99
C LEU B 69 47.51 -11.33 -32.67
N ILE B 70 48.22 -11.52 -31.55
CA ILE B 70 47.69 -11.11 -30.26
C ILE B 70 47.59 -9.60 -30.17
N ALA B 71 48.60 -8.89 -30.64
CA ALA B 71 48.55 -7.43 -30.63
C ALA B 71 47.45 -6.91 -31.55
N ARG B 72 47.11 -7.68 -32.59
CA ARG B 72 46.04 -7.26 -33.50
C ARG B 72 44.68 -7.47 -32.86
N GLY B 73 44.48 -8.62 -32.20
CA GLY B 73 43.25 -8.85 -31.47
C GLY B 73 43.08 -7.92 -30.28
N LYS B 74 44.20 -7.43 -29.73
CA LYS B 74 44.11 -6.47 -28.64
C LYS B 74 43.61 -5.12 -29.15
N ALA B 75 44.04 -4.72 -30.35
CA ALA B 75 43.57 -3.47 -30.93
C ALA B 75 42.11 -3.59 -31.37
N LEU B 76 41.70 -4.76 -31.85
CA LEU B 76 40.30 -4.99 -32.17
C LEU B 76 39.43 -4.86 -30.92
N GLY B 77 39.90 -5.40 -29.80
CA GLY B 77 39.14 -5.25 -28.57
C GLY B 77 39.03 -3.82 -28.12
N GLU B 78 40.10 -3.04 -28.32
CA GLU B 78 40.06 -1.64 -27.88
C GLU B 78 39.16 -0.79 -28.77
N GLU B 79 38.97 -1.21 -30.04
CA GLU B 79 38.06 -0.47 -30.91
C GLU B 79 36.61 -0.86 -30.66
N ALA B 80 36.34 -2.16 -30.49
CA ALA B 80 34.99 -2.59 -30.11
C ALA B 80 34.55 -1.90 -28.82
N LYS B 81 35.46 -1.78 -27.86
CA LYS B 81 35.16 -1.09 -26.63
C LYS B 81 34.76 0.36 -26.89
N ARG B 82 35.47 1.03 -27.81
CA ARG B 82 35.15 2.41 -28.14
C ARG B 82 33.80 2.50 -28.85
N LEU B 83 33.50 1.53 -29.72
CA LEU B 83 32.22 1.54 -30.41
C LEU B 83 31.06 1.23 -29.46
N GLU B 84 31.27 0.26 -28.56
CA GLU B 84 30.23 -0.08 -27.58
C GLU B 84 29.84 1.13 -26.75
N GLU B 85 30.82 1.94 -26.35
CA GLU B 85 30.52 3.15 -25.58
C GLU B 85 29.71 4.13 -26.41
N ALA B 86 30.12 4.34 -27.67
CA ALA B 86 29.35 5.23 -28.56
C ALA B 86 27.95 4.70 -28.77
N LEU B 87 27.82 3.39 -28.98
CA LEU B 87 26.50 2.79 -29.19
C LEU B 87 25.66 2.86 -27.92
N ARG B 88 26.29 2.68 -26.76
CA ARG B 88 25.55 2.71 -25.50
C ARG B 88 24.95 4.09 -25.26
N GLU B 89 25.69 5.15 -25.58
CA GLU B 89 25.16 6.51 -25.42
C GLU B 89 23.99 6.75 -26.37
N LYS B 90 24.16 6.39 -27.65
CA LYS B 90 23.12 6.66 -28.63
C LYS B 90 21.85 5.85 -28.33
N GLU B 91 22.01 4.59 -27.92
CA GLU B 91 20.84 3.77 -27.64
C GLU B 91 20.08 4.26 -26.42
N ALA B 92 20.79 4.85 -25.45
CA ALA B 92 20.11 5.46 -24.30
C ALA B 92 19.18 6.58 -24.76
N ARG B 93 19.71 7.50 -25.58
CA ARG B 93 18.88 8.59 -26.09
C ARG B 93 17.75 8.05 -26.95
N LEU B 94 18.01 7.00 -27.74
CA LEU B 94 16.95 6.43 -28.57
C LEU B 94 15.88 5.77 -27.73
N GLU B 95 16.28 5.13 -26.61
CA GLU B 95 15.30 4.58 -25.68
C GLU B 95 14.36 5.66 -25.17
N ALA B 96 14.92 6.79 -24.72
CA ALA B 96 14.10 7.85 -24.17
C ALA B 96 13.11 8.38 -25.21
N LEU B 97 13.55 8.46 -26.48
CA LEU B 97 12.65 8.89 -27.53
C LEU B 97 11.61 7.82 -27.84
N LEU B 98 12.03 6.55 -27.87
CA LEU B 98 11.10 5.47 -28.19
C LEU B 98 10.04 5.28 -27.12
N LEU B 99 10.38 5.56 -25.85
CA LEU B 99 9.40 5.45 -24.79
C LEU B 99 8.33 6.53 -24.87
N GLN B 100 8.49 7.50 -25.77
CA GLN B 100 7.49 8.54 -26.00
C GLN B 100 6.60 8.26 -27.19
N VAL B 101 6.99 7.35 -28.08
CA VAL B 101 6.20 7.12 -29.29
C VAL B 101 4.83 6.61 -28.91
N PRO B 102 3.74 7.21 -29.40
CA PRO B 102 2.41 6.72 -29.08
C PRO B 102 1.92 5.64 -30.04
N LEU B 103 1.02 4.80 -29.52
CA LEU B 103 0.31 3.85 -30.37
C LEU B 103 -0.78 4.58 -31.16
N PRO B 104 -0.94 4.28 -32.44
CA PRO B 104 -2.02 4.92 -33.20
C PRO B 104 -3.38 4.53 -32.64
N PRO B 105 -4.27 5.50 -32.43
CA PRO B 105 -5.59 5.17 -31.88
C PRO B 105 -6.48 4.50 -32.91
N TRP B 106 -7.51 3.83 -32.41
CA TRP B 106 -8.48 3.23 -33.31
C TRP B 106 -9.27 4.34 -34.00
N PRO B 107 -9.61 4.17 -35.28
CA PRO B 107 -10.24 5.27 -36.02
C PRO B 107 -11.50 5.80 -35.37
N GLY B 108 -12.26 4.95 -34.67
CA GLY B 108 -13.51 5.38 -34.08
C GLY B 108 -13.37 6.38 -32.95
N ALA B 109 -12.14 6.64 -32.51
CA ALA B 109 -11.95 7.55 -31.38
C ALA B 109 -12.05 8.99 -31.84
N PRO B 110 -12.82 9.84 -31.17
CA PRO B 110 -12.87 11.25 -31.56
C PRO B 110 -11.47 11.86 -31.54
N VAL B 111 -11.18 12.68 -32.53
CA VAL B 111 -9.90 13.39 -32.59
C VAL B 111 -10.08 14.74 -31.91
N GLY B 112 -9.25 14.99 -30.91
CA GLY B 112 -9.32 16.22 -30.16
C GLY B 112 -8.82 15.97 -28.75
N GLY B 113 -8.98 16.98 -27.92
CA GLY B 113 -8.67 16.87 -26.51
C GLY B 113 -9.84 16.36 -25.72
N GLU B 114 -9.82 16.67 -24.42
CA GLU B 114 -10.90 16.29 -23.52
C GLU B 114 -12.26 16.71 -24.07
N GLU B 115 -12.33 17.89 -24.70
CA GLU B 115 -13.61 18.39 -25.20
C GLU B 115 -14.27 17.36 -26.12
N ALA B 116 -13.47 16.63 -26.90
CA ALA B 116 -14.02 15.72 -27.89
C ALA B 116 -14.51 14.41 -27.30
N ASN B 117 -14.30 14.17 -26.00
CA ASN B 117 -14.87 13.00 -25.36
C ASN B 117 -16.39 13.02 -25.54
N ARG B 118 -16.95 11.86 -25.90
CA ARG B 118 -18.31 11.78 -26.41
C ARG B 118 -19.03 10.61 -25.75
N GLU B 119 -20.22 10.90 -25.20
CA GLU B 119 -21.04 9.86 -24.58
C GLU B 119 -21.61 8.94 -25.63
N ILE B 120 -21.60 7.63 -25.35
N ILE B 120 -21.59 7.63 -25.35
CA ILE B 120 -22.05 6.63 -26.31
CA ILE B 120 -22.05 6.63 -26.31
C ILE B 120 -23.20 5.82 -25.72
C ILE B 120 -23.20 5.82 -25.72
N LYS B 121 -23.28 5.73 -24.39
CA LYS B 121 -24.32 4.95 -23.75
C LYS B 121 -24.65 5.54 -22.39
N ARG B 122 -25.92 5.42 -22.00
CA ARG B 122 -26.41 5.90 -20.72
C ARG B 122 -27.39 4.89 -20.16
N VAL B 123 -27.21 4.49 -18.90
CA VAL B 123 -28.03 3.48 -18.27
C VAL B 123 -28.52 4.05 -16.94
N GLY B 124 -29.83 4.24 -16.82
CA GLY B 124 -30.39 4.92 -15.66
C GLY B 124 -30.10 6.39 -15.75
N GLY B 125 -30.61 7.13 -14.77
CA GLY B 125 -30.51 8.57 -14.81
C GLY B 125 -30.43 9.25 -13.47
N PRO B 126 -30.21 10.56 -13.50
CA PRO B 126 -30.29 11.37 -12.28
C PRO B 126 -31.55 11.06 -11.51
N PRO B 127 -31.43 10.74 -10.22
CA PRO B 127 -32.65 10.46 -9.43
C PRO B 127 -33.45 11.71 -9.18
N GLU B 128 -34.71 11.51 -8.83
CA GLU B 128 -35.67 12.59 -8.59
C GLU B 128 -36.13 12.50 -7.14
N PHE B 129 -35.53 13.33 -6.28
CA PHE B 129 -35.85 13.28 -4.86
C PHE B 129 -37.09 14.11 -4.55
N SER B 130 -37.94 13.58 -3.67
CA SER B 130 -39.03 14.34 -3.09
C SER B 130 -38.57 15.07 -1.84
N PHE B 131 -37.28 15.41 -1.78
CA PHE B 131 -36.72 16.15 -0.66
C PHE B 131 -35.44 16.82 -1.12
N PRO B 132 -34.97 17.84 -0.42
CA PRO B 132 -33.69 18.47 -0.78
C PRO B 132 -32.54 17.51 -0.54
N PRO B 133 -31.80 17.13 -1.59
CA PRO B 133 -30.72 16.15 -1.40
C PRO B 133 -29.46 16.79 -0.84
N LEU B 134 -28.71 15.97 -0.10
CA LEU B 134 -27.46 16.39 0.50
C LEU B 134 -26.27 15.82 -0.28
N ASP B 135 -25.15 16.54 -0.22
CA ASP B 135 -23.92 16.06 -0.81
C ASP B 135 -23.29 14.99 0.08
N HIS B 136 -22.37 14.22 -0.51
CA HIS B 136 -21.85 13.04 0.19
C HIS B 136 -21.07 13.43 1.44
N VAL B 137 -20.30 14.52 1.39
CA VAL B 137 -19.60 14.98 2.58
C VAL B 137 -20.61 15.29 3.68
N ALA B 138 -21.66 16.04 3.35
CA ALA B 138 -22.68 16.38 4.34
C ALA B 138 -23.34 15.12 4.91
N LEU B 139 -23.66 14.16 4.05
CA LEU B 139 -24.26 12.92 4.53
C LEU B 139 -23.35 12.22 5.52
N MET B 140 -22.04 12.18 5.23
CA MET B 140 -21.11 11.56 6.17
C MET B 140 -21.04 12.34 7.48
N GLU B 141 -21.08 13.67 7.41
CA GLU B 141 -21.09 14.47 8.62
C GLU B 141 -22.35 14.22 9.44
N LYS B 142 -23.51 14.12 8.78
CA LYS B 142 -24.76 13.89 9.50
C LYS B 142 -24.75 12.53 10.19
N ASN B 143 -24.27 11.50 9.51
CA ASN B 143 -24.27 10.14 10.05
C ASN B 143 -23.03 9.83 10.89
N GLY B 144 -22.09 10.75 11.01
CA GLY B 144 -20.92 10.52 11.83
C GLY B 144 -19.92 9.57 11.23
N TRP B 145 -19.79 9.54 9.90
CA TRP B 145 -18.85 8.68 9.21
C TRP B 145 -17.59 9.40 8.78
N TRP B 146 -17.55 10.73 8.89
CA TRP B 146 -16.46 11.56 8.41
C TRP B 146 -15.50 11.87 9.55
N GLU B 147 -14.20 11.63 9.33
CA GLU B 147 -13.18 12.01 10.28
C GLU B 147 -12.37 13.16 9.71
N PRO B 148 -12.76 14.41 9.95
CA PRO B 148 -12.02 15.54 9.37
C PRO B 148 -10.64 15.74 9.99
N ARG B 149 -10.38 15.15 11.16
CA ARG B 149 -9.10 15.33 11.83
C ARG B 149 -7.94 14.76 11.04
N ILE B 150 -8.22 13.97 10.00
CA ILE B 150 -7.14 13.28 9.30
C ILE B 150 -6.27 14.26 8.53
N SER B 151 -6.81 15.41 8.13
CA SER B 151 -5.98 16.39 7.44
C SER B 151 -4.90 16.96 8.35
N GLN B 152 -5.21 17.12 9.64
CA GLN B 152 -4.18 17.53 10.59
C GLN B 152 -3.07 16.49 10.66
N VAL B 153 -3.41 15.20 10.53
CA VAL B 153 -2.44 14.14 10.68
C VAL B 153 -1.66 13.93 9.38
N SER B 154 -2.35 13.86 8.25
CA SER B 154 -1.78 13.35 7.03
C SER B 154 -1.74 14.34 5.88
N GLY B 155 -2.33 15.53 6.04
CA GLY B 155 -2.32 16.53 4.99
C GLY B 155 -3.57 16.50 4.15
N SER B 156 -3.59 17.37 3.14
CA SER B 156 -4.75 17.50 2.28
C SER B 156 -4.84 16.28 1.35
N ARG B 157 -6.03 16.09 0.78
CA ARG B 157 -6.32 14.95 -0.09
C ARG B 157 -6.17 13.63 0.66
N SER B 158 -6.63 13.62 1.91
CA SER B 158 -6.67 12.41 2.72
C SER B 158 -8.08 12.19 3.21
N TYR B 159 -8.37 10.96 3.63
CA TYR B 159 -9.69 10.64 4.15
C TYR B 159 -9.59 9.52 5.17
N ALA B 160 -10.60 9.46 6.03
CA ALA B 160 -10.73 8.39 7.02
C ALA B 160 -12.21 8.24 7.33
N LEU B 161 -12.72 7.02 7.18
CA LEU B 161 -14.14 6.75 7.38
C LEU B 161 -14.35 6.06 8.73
N LYS B 162 -15.52 6.28 9.30
CA LYS B 162 -15.88 5.76 10.61
C LYS B 162 -17.12 4.88 10.51
N GLY B 163 -17.25 3.97 11.47
CA GLY B 163 -18.51 3.27 11.64
C GLY B 163 -18.85 2.36 10.47
N ASP B 164 -20.14 2.34 10.12
CA ASP B 164 -20.61 1.45 9.06
C ASP B 164 -19.96 1.77 7.73
N LEU B 165 -19.66 3.04 7.47
CA LEU B 165 -19.09 3.41 6.17
C LEU B 165 -17.68 2.86 6.02
N ALA B 166 -16.95 2.67 7.12
CA ALA B 166 -15.67 2.00 7.06
C ALA B 166 -15.84 0.54 6.68
N LEU B 167 -16.79 -0.15 7.33
CA LEU B 167 -17.11 -1.51 6.95
C LEU B 167 -17.67 -1.57 5.54
N TYR B 168 -18.40 -0.53 5.13
CA TYR B 168 -18.94 -0.47 3.77
C TYR B 168 -17.81 -0.43 2.75
N GLU B 169 -16.76 0.35 3.03
CA GLU B 169 -15.64 0.44 2.09
C GLU B 169 -15.02 -0.94 1.86
N LEU B 170 -14.80 -1.68 2.95
CA LEU B 170 -14.19 -3.00 2.82
C LEU B 170 -15.16 -4.01 2.21
N ALA B 171 -16.46 -3.81 2.40
CA ALA B 171 -17.43 -4.69 1.76
C ALA B 171 -17.47 -4.46 0.26
N LEU B 172 -17.41 -3.20 -0.16
CA LEU B 172 -17.41 -2.89 -1.59
C LEU B 172 -16.22 -3.53 -2.28
N LEU B 173 -15.05 -3.51 -1.64
CA LEU B 173 -13.87 -4.13 -2.23
C LEU B 173 -14.06 -5.63 -2.39
N ARG B 174 -14.58 -6.28 -1.36
CA ARG B 174 -14.81 -7.72 -1.45
C ARG B 174 -15.94 -8.04 -2.42
N PHE B 175 -16.98 -7.20 -2.44
CA PHE B 175 -18.05 -7.37 -3.42
C PHE B 175 -17.50 -7.39 -4.83
N ALA B 176 -16.58 -6.48 -5.14
CA ALA B 176 -15.98 -6.45 -6.48
C ALA B 176 -15.12 -7.67 -6.74
N MET B 177 -14.37 -8.12 -5.72
CA MET B 177 -13.52 -9.28 -5.88
C MET B 177 -14.34 -10.54 -6.09
N ASP B 178 -15.38 -10.73 -5.29
CA ASP B 178 -16.25 -11.89 -5.48
C ASP B 178 -16.86 -11.89 -6.87
N PHE B 179 -17.33 -10.74 -7.32
CA PHE B 179 -17.89 -10.65 -8.66
C PHE B 179 -16.86 -11.08 -9.71
N MET B 180 -15.69 -10.45 -9.69
CA MET B 180 -14.66 -10.78 -10.66
C MET B 180 -14.26 -12.25 -10.58
N ALA B 181 -14.27 -12.82 -9.38
CA ALA B 181 -13.87 -14.22 -9.24
C ALA B 181 -14.86 -15.14 -9.95
N ARG B 182 -16.16 -14.89 -9.79
CA ARG B 182 -17.18 -15.71 -10.44
C ARG B 182 -17.40 -15.32 -11.90
N ARG B 183 -16.58 -14.42 -12.45
CA ARG B 183 -16.56 -14.16 -13.89
C ARG B 183 -15.37 -14.78 -14.58
N GLY B 184 -14.58 -15.59 -13.86
CA GLY B 184 -13.43 -16.26 -14.42
C GLY B 184 -12.10 -15.62 -14.13
N PHE B 185 -12.09 -14.39 -13.60
CA PHE B 185 -10.84 -13.70 -13.31
C PHE B 185 -10.22 -14.26 -12.04
N LEU B 186 -8.90 -14.42 -12.08
CA LEU B 186 -8.17 -14.92 -10.93
C LEU B 186 -7.96 -13.80 -9.91
N PRO B 187 -8.52 -13.88 -8.71
CA PRO B 187 -8.27 -12.82 -7.73
C PRO B 187 -6.84 -12.84 -7.23
N MET B 188 -6.29 -11.66 -7.01
CA MET B 188 -4.95 -11.50 -6.46
C MET B 188 -4.91 -10.29 -5.53
N THR B 189 -4.22 -10.45 -4.40
CA THR B 189 -3.84 -9.33 -3.56
C THR B 189 -2.37 -9.02 -3.83
N LEU B 190 -2.04 -7.75 -4.00
CA LEU B 190 -0.75 -7.33 -4.49
C LEU B 190 -0.21 -6.18 -3.65
N PRO B 191 1.10 -5.93 -3.70
CA PRO B 191 1.66 -4.75 -3.03
C PRO B 191 1.39 -3.49 -3.83
N SER B 192 1.68 -2.35 -3.20
CA SER B 192 1.43 -1.04 -3.78
C SER B 192 2.72 -0.31 -4.15
N TYR B 193 3.82 -1.04 -4.32
CA TYR B 193 5.09 -0.44 -4.69
C TYR B 193 5.79 -1.35 -5.68
N ALA B 194 6.66 -0.75 -6.48
CA ALA B 194 7.42 -1.50 -7.48
C ALA B 194 8.62 -0.68 -7.91
N ARG B 195 9.52 -1.33 -8.65
CA ARG B 195 10.69 -0.66 -9.19
C ARG B 195 10.35 -0.02 -10.53
N GLU B 196 11.25 0.85 -10.98
CA GLU B 196 10.98 1.67 -12.16
C GLU B 196 10.63 0.83 -13.37
N LYS B 197 11.21 -0.37 -13.48
CA LYS B 197 10.94 -1.22 -14.64
C LYS B 197 9.45 -1.43 -14.86
N ALA B 198 8.69 -1.59 -13.77
CA ALA B 198 7.27 -1.90 -13.91
C ALA B 198 6.49 -0.68 -14.40
N PHE B 199 6.86 0.51 -13.93
CA PHE B 199 6.19 1.72 -14.39
C PHE B 199 6.54 2.02 -15.85
N LEU B 200 7.75 1.68 -16.28
CA LEU B 200 8.10 1.83 -17.68
C LEU B 200 7.32 0.85 -18.55
N GLY B 201 6.98 -0.32 -18.01
CA GLY B 201 6.32 -1.33 -18.82
C GLY B 201 4.87 -1.00 -19.13
N THR B 202 4.17 -0.38 -18.18
CA THR B 202 2.78 -0.02 -18.41
C THR B 202 2.64 1.25 -19.24
N GLY B 203 3.63 2.14 -19.18
CA GLY B 203 3.54 3.45 -19.80
C GLY B 203 3.42 4.58 -18.80
N HIS B 204 3.29 4.27 -17.50
CA HIS B 204 3.23 5.33 -16.51
C HIS B 204 4.52 6.15 -16.49
N PHE B 205 5.64 5.56 -16.91
CA PHE B 205 6.87 6.30 -17.09
C PHE B 205 7.23 6.34 -18.58
N PRO B 206 7.72 7.49 -19.08
CA PRO B 206 7.99 8.76 -18.39
C PRO B 206 6.80 9.70 -18.43
N ALA B 207 5.75 9.32 -19.17
CA ALA B 207 4.69 10.27 -19.48
C ALA B 207 3.94 10.74 -18.24
N TYR B 208 3.73 9.85 -17.27
CA TYR B 208 2.97 10.17 -16.07
C TYR B 208 3.83 10.08 -14.81
N ARG B 209 5.12 10.39 -14.91
CA ARG B 209 6.01 10.17 -13.77
C ARG B 209 5.68 11.11 -12.62
N ASP B 210 5.23 12.33 -12.90
CA ASP B 210 4.93 13.27 -11.83
C ASP B 210 3.68 12.91 -11.06
N GLN B 211 2.92 11.93 -11.54
CA GLN B 211 1.75 11.41 -10.83
C GLN B 211 2.10 10.30 -9.86
N VAL B 212 3.37 9.92 -9.76
CA VAL B 212 3.81 8.79 -8.96
C VAL B 212 4.61 9.30 -7.76
N TRP B 213 4.34 8.72 -6.60
CA TRP B 213 5.09 9.00 -5.39
C TRP B 213 6.26 8.02 -5.29
N ALA B 214 7.47 8.56 -5.12
CA ALA B 214 8.65 7.74 -4.94
C ALA B 214 8.91 7.52 -3.46
N ILE B 215 9.50 6.37 -3.13
CA ILE B 215 9.91 6.06 -1.77
C ILE B 215 11.37 6.48 -1.62
N ALA B 216 11.61 7.47 -0.77
CA ALA B 216 12.93 8.08 -0.67
C ALA B 216 13.98 7.06 -0.25
N GLU B 217 15.19 7.22 -0.78
CA GLU B 217 16.33 6.37 -0.43
C GLU B 217 16.05 4.90 -0.74
N THR B 218 15.25 4.67 -1.79
CA THR B 218 15.00 3.35 -2.33
C THR B 218 14.91 3.48 -3.84
N ASP B 219 14.92 2.34 -4.53
CA ASP B 219 14.63 2.29 -5.95
C ASP B 219 13.18 1.90 -6.21
N LEU B 220 12.27 2.28 -5.31
CA LEU B 220 10.88 1.88 -5.35
C LEU B 220 9.98 3.11 -5.49
N TYR B 221 8.84 2.89 -6.11
CA TYR B 221 7.81 3.92 -6.27
C TYR B 221 6.47 3.32 -5.88
N LEU B 222 5.58 4.16 -5.35
CA LEU B 222 4.24 3.71 -5.01
C LEU B 222 3.39 3.67 -6.28
N THR B 223 2.68 2.57 -6.46
CA THR B 223 1.85 2.40 -7.64
C THR B 223 0.51 3.11 -7.47
N GLY B 224 0.08 3.79 -8.53
CA GLY B 224 -1.24 4.38 -8.55
C GLY B 224 -2.34 3.44 -8.98
N THR B 225 -1.99 2.20 -9.31
CA THR B 225 -2.95 1.22 -9.81
C THR B 225 -2.28 -0.15 -9.79
N ALA B 226 -3.08 -1.18 -9.50
CA ALA B 226 -2.55 -2.55 -9.54
C ALA B 226 -2.17 -2.96 -10.96
N GLU B 227 -2.52 -2.17 -11.97
CA GLU B 227 -2.08 -2.45 -13.33
C GLU B 227 -0.56 -2.54 -13.40
N VAL B 228 0.14 -1.64 -12.70
CA VAL B 228 1.60 -1.63 -12.74
C VAL B 228 2.16 -3.00 -12.35
N VAL B 229 1.62 -3.59 -11.28
CA VAL B 229 2.14 -4.87 -10.80
C VAL B 229 1.69 -6.00 -11.71
N LEU B 230 0.40 -6.02 -12.06
CA LEU B 230 -0.13 -7.13 -12.84
C LEU B 230 0.53 -7.23 -14.20
N ASN B 231 0.87 -6.08 -14.80
CA ASN B 231 1.49 -6.07 -16.11
C ASN B 231 2.95 -6.53 -16.05
N ALA B 232 3.61 -6.33 -14.91
CA ALA B 232 5.02 -6.68 -14.76
C ALA B 232 5.24 -8.13 -14.34
N LEU B 233 4.17 -8.87 -14.03
CA LEU B 233 4.35 -10.21 -13.47
C LEU B 233 5.06 -11.14 -14.45
N HIS B 234 4.74 -11.02 -15.74
CA HIS B 234 5.21 -11.97 -16.74
C HIS B 234 6.23 -11.36 -17.70
N SER B 235 6.88 -10.27 -17.28
CA SER B 235 7.96 -9.70 -18.09
C SER B 235 9.01 -10.76 -18.37
N GLY B 236 9.46 -10.79 -19.63
CA GLY B 236 10.51 -11.71 -20.01
C GLY B 236 10.11 -13.16 -20.06
N GLU B 237 8.82 -13.46 -20.01
CA GLU B 237 8.32 -14.82 -20.12
C GLU B 237 7.69 -15.05 -21.49
N ILE B 238 7.82 -16.26 -21.99
CA ILE B 238 7.17 -16.68 -23.22
C ILE B 238 6.05 -17.62 -22.81
N LEU B 239 4.84 -17.08 -22.69
CA LEU B 239 3.72 -17.85 -22.18
C LEU B 239 3.23 -18.85 -23.21
N PRO B 240 2.70 -19.99 -22.78
CA PRO B 240 2.06 -20.92 -23.71
C PRO B 240 0.73 -20.39 -24.22
N TYR B 241 0.40 -20.75 -25.45
CA TYR B 241 -0.84 -20.29 -26.05
C TYR B 241 -2.06 -20.75 -25.27
N GLU B 242 -2.02 -21.98 -24.75
CA GLU B 242 -3.19 -22.52 -24.05
C GLU B 242 -3.47 -21.80 -22.75
N ALA B 243 -2.48 -21.10 -22.18
CA ALA B 243 -2.72 -20.32 -20.97
C ALA B 243 -3.53 -19.05 -21.25
N LEU B 244 -3.58 -18.62 -22.52
CA LEU B 244 -4.22 -17.35 -22.83
C LEU B 244 -5.72 -17.52 -23.01
N PRO B 245 -6.50 -16.46 -22.72
CA PRO B 245 -6.08 -15.16 -22.17
C PRO B 245 -5.84 -15.23 -20.68
N LEU B 246 -4.98 -14.38 -20.13
CA LEU B 246 -4.82 -14.26 -18.68
C LEU B 246 -5.79 -13.21 -18.18
N ARG B 247 -6.65 -13.59 -17.24
CA ARG B 247 -7.68 -12.71 -16.68
C ARG B 247 -7.41 -12.57 -15.20
N TYR B 248 -6.86 -11.42 -14.79
CA TYR B 248 -6.50 -11.16 -13.41
C TYR B 248 -7.42 -10.11 -12.81
N ALA B 249 -7.81 -10.34 -11.55
CA ALA B 249 -8.58 -9.38 -10.75
C ALA B 249 -7.71 -9.03 -9.56
N GLY B 250 -6.84 -8.02 -9.73
CA GLY B 250 -5.88 -7.66 -8.72
C GLY B 250 -6.39 -6.52 -7.84
N TYR B 251 -6.38 -6.76 -6.54
CA TYR B 251 -6.63 -5.72 -5.56
C TYR B 251 -5.31 -5.21 -5.00
N ALA B 252 -5.22 -3.89 -4.82
CA ALA B 252 -4.06 -3.29 -4.17
C ALA B 252 -4.45 -1.89 -3.73
N PRO B 253 -3.89 -1.40 -2.63
CA PRO B 253 -4.02 0.03 -2.32
C PRO B 253 -3.30 0.85 -3.38
N ALA B 254 -3.88 1.99 -3.73
CA ALA B 254 -3.33 2.88 -4.74
C ALA B 254 -2.85 4.16 -4.09
N PHE B 255 -1.76 4.70 -4.63
CA PHE B 255 -1.19 5.96 -4.17
C PHE B 255 -0.98 6.86 -5.39
N ARG B 256 -1.42 8.11 -5.29
CA ARG B 256 -1.28 9.05 -6.39
C ARG B 256 -0.92 10.43 -5.85
N SER B 257 0.06 11.06 -6.51
CA SER B 257 0.51 12.38 -6.09
C SER B 257 -0.52 13.44 -6.43
N GLU B 258 -1.33 13.23 -7.48
CA GLU B 258 -2.28 14.21 -7.96
C GLU B 258 -1.60 15.55 -8.22
N ALA B 259 -0.39 15.48 -8.77
CA ALA B 259 0.26 16.69 -9.27
C ALA B 259 -0.56 17.29 -10.40
N GLY B 260 -0.62 18.61 -10.45
CA GLY B 260 -1.41 19.28 -11.47
C GLY B 260 -2.90 19.26 -11.24
N SER B 261 -3.35 18.86 -10.05
CA SER B 261 -4.77 18.89 -9.69
C SER B 261 -5.11 20.05 -8.77
N PHE B 262 -4.20 20.99 -8.61
CA PHE B 262 -4.45 22.19 -7.81
C PHE B 262 -5.80 22.80 -8.18
N GLY B 263 -6.71 22.82 -7.22
CA GLY B 263 -8.03 23.40 -7.43
C GLY B 263 -9.11 22.44 -7.87
N LYS B 264 -8.78 21.17 -8.11
CA LYS B 264 -9.75 20.18 -8.52
C LYS B 264 -10.04 19.22 -7.36
N ASP B 265 -11.33 19.04 -7.06
CA ASP B 265 -11.77 18.07 -6.06
C ASP B 265 -10.94 18.18 -4.78
N VAL B 266 -11.01 19.37 -4.16
CA VAL B 266 -10.17 19.65 -3.01
C VAL B 266 -10.73 19.08 -1.71
N ARG B 267 -12.03 18.80 -1.65
CA ARG B 267 -12.67 18.31 -0.44
C ARG B 267 -13.61 17.17 -0.79
N GLY B 268 -13.44 16.03 -0.11
CA GLY B 268 -14.34 14.91 -0.29
C GLY B 268 -13.65 13.58 -0.48
N LEU B 269 -14.30 12.68 -1.21
CA LEU B 269 -13.76 11.34 -1.48
C LEU B 269 -13.34 11.18 -2.93
N MET B 270 -13.35 12.25 -3.72
CA MET B 270 -13.21 12.12 -5.16
C MET B 270 -11.75 11.99 -5.59
N ARG B 271 -10.86 12.79 -5.01
CA ARG B 271 -9.47 12.87 -5.46
C ARG B 271 -8.56 12.91 -4.23
N VAL B 272 -8.15 11.72 -3.78
CA VAL B 272 -7.31 11.58 -2.59
C VAL B 272 -5.97 10.98 -3.00
N HIS B 273 -5.02 11.03 -2.08
CA HIS B 273 -3.67 10.52 -2.37
C HIS B 273 -3.62 9.00 -2.34
N GLN B 274 -4.37 8.37 -1.44
CA GLN B 274 -4.34 6.93 -1.26
C GLN B 274 -5.77 6.40 -1.26
N PHE B 275 -6.02 5.36 -2.05
CA PHE B 275 -7.34 4.77 -2.10
C PHE B 275 -7.18 3.26 -2.32
N HIS B 276 -8.32 2.58 -2.49
CA HIS B 276 -8.37 1.14 -2.73
C HIS B 276 -8.99 0.89 -4.09
N LYS B 277 -8.41 -0.02 -4.86
CA LYS B 277 -8.95 -0.32 -6.17
C LYS B 277 -8.74 -1.79 -6.51
N VAL B 278 -9.79 -2.43 -7.02
CA VAL B 278 -9.71 -3.76 -7.61
C VAL B 278 -9.59 -3.58 -9.11
N GLU B 279 -8.56 -4.16 -9.70
CA GLU B 279 -8.21 -3.94 -11.10
C GLU B 279 -8.55 -5.17 -11.92
N GLN B 280 -9.03 -4.95 -13.14
CA GLN B 280 -9.15 -6.00 -14.14
C GLN B 280 -7.95 -5.88 -15.09
N TYR B 281 -7.20 -6.96 -15.23
CA TYR B 281 -6.08 -7.02 -16.18
C TYR B 281 -6.28 -8.24 -17.07
N VAL B 282 -6.17 -8.05 -18.38
CA VAL B 282 -6.31 -9.13 -19.35
C VAL B 282 -5.09 -9.12 -20.27
N LEU B 283 -4.49 -10.30 -20.44
N LEU B 283 -4.47 -10.29 -20.41
CA LEU B 283 -3.35 -10.50 -21.34
CA LEU B 283 -3.36 -10.50 -21.33
C LEU B 283 -3.73 -11.58 -22.33
C LEU B 283 -3.82 -11.57 -22.33
N THR B 284 -3.95 -11.19 -23.59
CA THR B 284 -4.44 -12.09 -24.62
C THR B 284 -3.48 -12.12 -25.81
N GLU B 285 -3.80 -12.99 -26.76
CA GLU B 285 -2.97 -13.16 -27.95
C GLU B 285 -3.07 -11.92 -28.83
N ALA B 286 -2.09 -11.78 -29.72
CA ALA B 286 -1.99 -10.60 -30.59
C ALA B 286 -3.06 -10.64 -31.66
N SER B 287 -4.32 -10.48 -31.27
CA SER B 287 -5.45 -10.55 -32.18
C SER B 287 -6.40 -9.40 -31.88
N LEU B 288 -6.85 -8.70 -32.92
CA LEU B 288 -7.84 -7.65 -32.72
C LEU B 288 -9.15 -8.25 -32.22
N GLU B 289 -9.55 -9.39 -32.79
CA GLU B 289 -10.77 -10.06 -32.36
C GLU B 289 -10.73 -10.36 -30.86
N ALA B 290 -9.62 -10.96 -30.40
CA ALA B 290 -9.52 -11.29 -28.99
C ALA B 290 -9.52 -10.03 -28.12
N SER B 291 -8.80 -8.99 -28.56
CA SER B 291 -8.76 -7.75 -27.79
C SER B 291 -10.15 -7.12 -27.71
N ASP B 292 -10.85 -7.04 -28.84
CA ASP B 292 -12.21 -6.51 -28.83
C ASP B 292 -13.10 -7.28 -27.87
N ARG B 293 -12.93 -8.61 -27.83
CA ARG B 293 -13.73 -9.42 -26.92
C ARG B 293 -13.42 -9.08 -25.47
N ALA B 294 -12.13 -9.05 -25.11
CA ALA B 294 -11.76 -8.73 -23.73
C ALA B 294 -12.22 -7.33 -23.36
N PHE B 295 -12.05 -6.36 -24.27
CA PHE B 295 -12.52 -5.01 -24.01
C PHE B 295 -14.00 -5.00 -23.65
N GLN B 296 -14.82 -5.63 -24.49
CA GLN B 296 -16.25 -5.71 -24.23
C GLN B 296 -16.52 -6.35 -22.86
N GLU B 297 -15.76 -7.39 -22.52
CA GLU B 297 -15.97 -8.08 -21.25
C GLU B 297 -15.63 -7.17 -20.07
N LEU B 298 -14.49 -6.48 -20.15
CA LEU B 298 -14.12 -5.56 -19.07
C LEU B 298 -15.18 -4.48 -18.88
N LEU B 299 -15.68 -3.91 -19.98
CA LEU B 299 -16.77 -2.94 -19.88
C LEU B 299 -17.99 -3.55 -19.21
N GLU B 300 -18.45 -4.70 -19.73
CA GLU B 300 -19.65 -5.32 -19.19
C GLU B 300 -19.49 -5.65 -17.72
N ASN B 301 -18.32 -6.18 -17.32
CA ASN B 301 -18.10 -6.48 -15.91
C ASN B 301 -18.25 -5.23 -15.06
N ALA B 302 -17.60 -4.13 -15.45
CA ALA B 302 -17.72 -2.89 -14.71
C ALA B 302 -19.17 -2.40 -14.71
N GLU B 303 -19.86 -2.50 -15.84
CA GLU B 303 -21.26 -2.09 -15.88
C GLU B 303 -22.11 -2.94 -14.96
N GLU B 304 -21.90 -4.26 -14.98
CA GLU B 304 -22.68 -5.14 -14.11
C GLU B 304 -22.45 -4.82 -12.64
N ILE B 305 -21.20 -4.57 -12.27
CA ILE B 305 -20.90 -4.14 -10.90
C ILE B 305 -21.71 -2.90 -10.55
N LEU B 306 -21.79 -1.94 -11.46
CA LEU B 306 -22.56 -0.73 -11.19
C LEU B 306 -24.06 -1.02 -11.20
N ARG B 307 -24.51 -1.97 -12.04
CA ARG B 307 -25.91 -2.38 -12.01
C ARG B 307 -26.27 -2.98 -10.65
N LEU B 308 -25.39 -3.81 -10.10
CA LEU B 308 -25.64 -4.38 -8.78
C LEU B 308 -25.57 -3.34 -7.68
N LEU B 309 -24.74 -2.32 -7.86
CA LEU B 309 -24.70 -1.18 -6.94
C LEU B 309 -25.86 -0.22 -7.15
N GLU B 310 -26.72 -0.46 -8.15
CA GLU B 310 -27.91 0.35 -8.38
C GLU B 310 -27.53 1.81 -8.58
N LEU B 311 -26.58 2.05 -9.47
CA LEU B 311 -26.08 3.38 -9.74
C LEU B 311 -26.34 3.79 -11.18
N PRO B 312 -26.73 5.03 -11.43
CA PRO B 312 -26.89 5.49 -12.82
C PRO B 312 -25.54 5.85 -13.40
N TYR B 313 -25.21 5.27 -14.54
CA TYR B 313 -23.90 5.48 -15.15
C TYR B 313 -24.04 5.79 -16.63
N ARG B 314 -22.90 6.12 -17.24
CA ARG B 314 -22.82 6.33 -18.67
C ARG B 314 -21.44 5.92 -19.14
N LEU B 315 -21.36 5.51 -20.40
CA LEU B 315 -20.09 5.23 -21.05
C LEU B 315 -19.68 6.44 -21.88
N VAL B 316 -18.38 6.74 -21.88
CA VAL B 316 -17.84 7.85 -22.64
C VAL B 316 -16.67 7.35 -23.48
N GLU B 317 -16.74 7.60 -24.79
CA GLU B 317 -15.64 7.28 -25.69
C GLU B 317 -14.60 8.38 -25.60
N VAL B 318 -13.38 8.02 -25.21
CA VAL B 318 -12.34 8.99 -24.90
C VAL B 318 -11.61 9.39 -26.18
N ALA B 319 -11.34 10.68 -26.31
CA ALA B 319 -10.75 11.22 -27.53
C ALA B 319 -9.24 10.99 -27.53
N THR B 320 -8.66 11.11 -28.74
CA THR B 320 -7.25 10.83 -28.94
C THR B 320 -6.37 11.63 -27.96
N GLY B 321 -6.69 12.91 -27.78
CA GLY B 321 -5.85 13.77 -26.94
C GLY B 321 -6.02 13.56 -25.45
N ASP B 322 -7.03 12.82 -25.04
CA ASP B 322 -7.29 12.52 -23.63
C ASP B 322 -7.12 11.04 -23.33
N MET B 323 -6.67 10.27 -24.31
CA MET B 323 -6.70 8.82 -24.26
C MET B 323 -5.42 8.21 -23.71
N GLY B 324 -4.28 8.85 -23.96
CA GLY B 324 -3.01 8.33 -23.50
C GLY B 324 -2.16 7.84 -24.66
N PRO B 325 -0.84 7.88 -24.50
CA PRO B 325 0.04 7.49 -25.62
C PRO B 325 -0.09 6.04 -26.02
N GLY B 326 -0.38 5.14 -25.09
CA GLY B 326 -0.38 3.72 -25.38
C GLY B 326 -1.71 3.12 -25.77
N LYS B 327 -2.78 3.89 -25.71
CA LYS B 327 -4.12 3.34 -25.82
C LYS B 327 -4.57 3.22 -27.27
N TRP B 328 -5.02 2.02 -27.64
CA TRP B 328 -5.76 1.83 -28.88
C TRP B 328 -7.15 2.42 -28.77
N ARG B 329 -7.84 2.11 -27.68
CA ARG B 329 -9.16 2.64 -27.40
C ARG B 329 -9.28 2.80 -25.89
N GLN B 330 -10.06 3.79 -25.47
CA GLN B 330 -10.35 3.96 -24.05
C GLN B 330 -11.79 4.40 -23.89
N VAL B 331 -12.52 3.72 -23.03
CA VAL B 331 -13.90 4.06 -22.69
C VAL B 331 -13.97 4.25 -21.17
N ASP B 332 -14.33 5.44 -20.74
CA ASP B 332 -14.56 5.73 -19.34
C ASP B 332 -16.01 5.42 -18.98
N ILE B 333 -16.21 4.92 -17.77
CA ILE B 333 -17.54 4.76 -17.19
C ILE B 333 -17.70 5.80 -16.09
N GLU B 334 -18.77 6.58 -16.16
CA GLU B 334 -19.00 7.68 -15.24
C GLU B 334 -20.35 7.47 -14.56
N VAL B 335 -20.37 7.67 -13.24
CA VAL B 335 -21.58 7.57 -12.44
C VAL B 335 -22.01 8.97 -12.07
N TYR B 336 -23.32 9.20 -12.02
CA TYR B 336 -23.86 10.54 -11.80
C TYR B 336 -23.74 10.93 -10.34
N LEU B 337 -23.22 12.13 -10.09
CA LEU B 337 -23.04 12.66 -8.74
C LEU B 337 -23.90 13.90 -8.56
N PRO B 338 -25.09 13.78 -7.97
CA PRO B 338 -26.02 14.93 -7.94
C PRO B 338 -25.41 16.22 -7.41
N SER B 339 -24.62 16.17 -6.33
CA SER B 339 -24.10 17.40 -5.76
C SER B 339 -23.30 18.20 -6.78
N GLU B 340 -22.69 17.53 -7.76
CA GLU B 340 -21.98 18.21 -8.83
C GLU B 340 -22.82 18.31 -10.10
N GLY B 341 -24.04 17.77 -10.10
CA GLY B 341 -24.90 17.88 -11.25
C GLY B 341 -24.27 17.40 -12.54
N ARG B 342 -23.43 16.37 -12.47
CA ARG B 342 -22.78 15.84 -13.66
C ARG B 342 -22.21 14.46 -13.35
N TYR B 343 -21.90 13.73 -14.41
CA TYR B 343 -21.28 12.42 -14.29
C TYR B 343 -19.79 12.55 -13.98
N ARG B 344 -19.28 11.62 -13.18
CA ARG B 344 -17.88 11.60 -12.79
C ARG B 344 -17.30 10.21 -13.03
N GLU B 345 -16.05 10.17 -13.48
CA GLU B 345 -15.41 8.90 -13.82
C GLU B 345 -15.28 7.99 -12.60
N THR B 346 -15.55 6.70 -12.81
CA THR B 346 -15.34 5.68 -11.79
C THR B 346 -14.48 4.54 -12.34
N HIS B 347 -14.53 4.33 -13.65
CA HIS B 347 -13.73 3.30 -14.30
C HIS B 347 -13.09 3.87 -15.57
N SER B 348 -12.05 3.21 -16.04
CA SER B 348 -11.40 3.54 -17.31
C SER B 348 -10.99 2.25 -17.99
N CYS B 349 -11.64 1.94 -19.10
CA CYS B 349 -11.40 0.71 -19.85
C CYS B 349 -10.48 1.03 -21.01
N SER B 350 -9.36 0.32 -21.09
CA SER B 350 -8.33 0.62 -22.08
C SER B 350 -7.86 -0.64 -22.79
N ALA B 351 -7.73 -0.55 -24.11
CA ALA B 351 -7.01 -1.52 -24.92
C ALA B 351 -5.71 -0.87 -25.38
N LEU B 352 -4.59 -1.57 -25.19
CA LEU B 352 -3.28 -1.04 -25.55
C LEU B 352 -2.56 -1.90 -26.58
N LEU B 353 -3.24 -2.90 -27.15
CA LEU B 353 -2.60 -3.83 -28.07
C LEU B 353 -1.26 -4.27 -27.51
N ASP B 354 -0.19 -4.23 -28.31
CA ASP B 354 1.12 -4.71 -27.86
C ASP B 354 2.01 -3.60 -27.33
N TRP B 355 1.45 -2.40 -27.10
CA TRP B 355 2.27 -1.26 -26.73
C TRP B 355 2.91 -1.44 -25.35
N GLN B 356 2.16 -1.96 -24.38
CA GLN B 356 2.76 -2.31 -23.10
C GLN B 356 3.61 -3.57 -23.22
N ALA B 357 3.13 -4.56 -23.98
CA ALA B 357 3.85 -5.81 -24.12
C ALA B 357 5.26 -5.60 -24.65
N ARG B 358 5.44 -4.60 -25.53
CA ARG B 358 6.77 -4.32 -26.05
C ARG B 358 7.65 -3.59 -25.05
N ARG B 359 7.05 -2.90 -24.08
CA ARG B 359 7.83 -2.29 -23.01
C ARG B 359 8.20 -3.32 -21.95
N ALA B 360 7.21 -4.06 -21.45
CA ALA B 360 7.43 -5.04 -20.40
C ALA B 360 7.93 -6.38 -20.91
N ASN B 361 8.13 -6.53 -22.22
CA ASN B 361 8.57 -7.79 -22.80
C ASN B 361 7.60 -8.92 -22.47
N LEU B 362 6.34 -8.70 -22.82
CA LEU B 362 5.28 -9.68 -22.62
C LEU B 362 5.05 -10.40 -23.94
N ARG B 363 5.34 -11.69 -23.96
CA ARG B 363 5.29 -12.46 -25.20
C ARG B 363 4.67 -13.82 -24.95
N TYR B 364 4.09 -14.38 -26.01
CA TYR B 364 3.52 -15.71 -25.99
C TYR B 364 3.99 -16.48 -27.22
N ARG B 365 3.91 -17.81 -27.12
N ARG B 365 3.91 -17.80 -27.12
CA ARG B 365 4.26 -18.70 -28.23
CA ARG B 365 4.26 -18.70 -28.23
C ARG B 365 2.96 -19.18 -28.86
C ARG B 365 2.95 -19.18 -28.85
N ASP B 366 2.71 -18.79 -30.11
CA ASP B 366 1.46 -19.12 -30.78
C ASP B 366 1.45 -20.59 -31.16
N PRO B 367 0.33 -21.11 -31.68
CA PRO B 367 0.26 -22.55 -31.96
C PRO B 367 1.25 -23.01 -33.02
N GLU B 368 1.65 -22.11 -33.92
CA GLU B 368 2.59 -22.44 -34.98
C GLU B 368 4.04 -22.27 -34.55
N GLY B 369 4.28 -21.98 -33.26
CA GLY B 369 5.62 -21.90 -32.73
C GLY B 369 6.22 -20.51 -32.70
N ARG B 370 5.58 -19.52 -33.32
CA ARG B 370 6.14 -18.19 -33.39
C ARG B 370 5.94 -17.44 -32.08
N VAL B 371 7.01 -16.83 -31.58
CA VAL B 371 6.93 -15.99 -30.39
C VAL B 371 6.49 -14.59 -30.81
N ARG B 372 5.39 -14.12 -30.23
CA ARG B 372 4.80 -12.85 -30.59
C ARG B 372 4.47 -12.06 -29.34
N TYR B 373 4.54 -10.73 -29.46
CA TYR B 373 4.15 -9.88 -28.34
C TYR B 373 2.65 -9.99 -28.10
N ALA B 374 2.27 -10.06 -26.83
CA ALA B 374 0.87 -10.20 -26.47
C ALA B 374 0.17 -8.84 -26.54
N TYR B 375 -1.15 -8.88 -26.39
CA TYR B 375 -1.96 -7.69 -26.22
C TYR B 375 -2.42 -7.59 -24.78
N THR B 376 -2.42 -6.36 -24.24
CA THR B 376 -2.82 -6.11 -22.87
C THR B 376 -4.04 -5.22 -22.84
N LEU B 377 -4.87 -5.43 -21.81
CA LEU B 377 -6.02 -4.60 -21.54
C LEU B 377 -6.14 -4.42 -20.04
N ASN B 378 -6.86 -3.39 -19.63
CA ASN B 378 -7.14 -3.22 -18.21
C ASN B 378 -8.37 -2.37 -18.04
N ASN B 379 -9.05 -2.58 -16.91
CA ASN B 379 -10.21 -1.77 -16.56
C ASN B 379 -10.39 -1.84 -15.05
N THR B 380 -10.90 -0.74 -14.49
CA THR B 380 -11.31 -0.75 -13.10
C THR B 380 -12.40 -1.79 -12.89
N ALA B 381 -12.30 -2.53 -11.79
CA ALA B 381 -13.44 -3.27 -11.29
C ALA B 381 -14.25 -2.39 -10.35
N LEU B 382 -13.61 -1.91 -9.28
N LEU B 382 -13.61 -1.91 -9.28
CA LEU B 382 -14.23 -0.95 -8.38
CA LEU B 382 -14.23 -0.95 -8.38
C LEU B 382 -13.14 -0.28 -7.58
C LEU B 382 -13.14 -0.28 -7.58
N ALA B 383 -13.29 1.04 -7.37
CA ALA B 383 -12.35 1.81 -6.58
C ALA B 383 -13.12 2.55 -5.50
N THR B 384 -12.62 2.49 -4.27
CA THR B 384 -13.12 3.29 -3.17
C THR B 384 -12.09 4.34 -2.82
N PRO B 385 -12.49 5.48 -2.23
CA PRO B 385 -13.83 5.85 -1.78
C PRO B 385 -14.62 6.65 -2.81
N ARG B 386 -14.07 6.93 -4.00
CA ARG B 386 -14.79 7.76 -4.95
C ARG B 386 -16.19 7.23 -5.20
N ILE B 387 -16.32 5.91 -5.36
CA ILE B 387 -17.64 5.32 -5.60
C ILE B 387 -18.58 5.61 -4.44
N LEU B 388 -18.04 5.73 -3.23
CA LEU B 388 -18.90 6.01 -2.08
C LEU B 388 -19.59 7.36 -2.21
N ALA B 389 -18.97 8.31 -2.91
CA ALA B 389 -19.60 9.61 -3.10
C ALA B 389 -20.92 9.46 -3.85
N MET B 390 -20.93 8.68 -4.93
CA MET B 390 -22.17 8.46 -5.66
C MET B 390 -23.13 7.58 -4.86
N LEU B 391 -22.60 6.57 -4.19
CA LEU B 391 -23.46 5.67 -3.42
C LEU B 391 -24.23 6.43 -2.35
N LEU B 392 -23.54 7.31 -1.61
CA LEU B 392 -24.21 8.07 -0.56
C LEU B 392 -25.31 8.96 -1.13
N GLU B 393 -24.99 9.69 -2.20
CA GLU B 393 -25.93 10.69 -2.72
C GLU B 393 -27.10 10.03 -3.44
N ASN B 394 -26.84 8.96 -4.19
CA ASN B 394 -27.91 8.29 -4.94
C ASN B 394 -28.80 7.43 -4.05
N HIS B 395 -28.32 7.00 -2.89
CA HIS B 395 -29.08 6.12 -2.01
C HIS B 395 -29.48 6.78 -0.70
N GLN B 396 -29.37 8.11 -0.61
CA GLN B 396 -29.77 8.79 0.61
C GLN B 396 -31.29 8.76 0.76
N LEU B 397 -31.75 8.65 2.01
CA LEU B 397 -33.16 8.69 2.34
C LEU B 397 -33.57 10.10 2.74
N GLN B 398 -34.87 10.27 2.96
CA GLN B 398 -35.38 11.57 3.40
C GLN B 398 -34.79 11.96 4.75
N ASP B 399 -34.77 11.02 5.70
CA ASP B 399 -34.27 11.30 7.03
C ASP B 399 -32.76 11.42 7.10
N GLY B 400 -32.05 11.33 5.97
CA GLY B 400 -30.62 11.51 5.95
C GLY B 400 -29.81 10.23 6.04
N ARG B 401 -30.45 9.10 6.27
CA ARG B 401 -29.75 7.82 6.26
C ARG B 401 -29.48 7.38 4.83
N VAL B 402 -28.63 6.37 4.69
CA VAL B 402 -28.18 5.90 3.39
C VAL B 402 -28.57 4.42 3.26
N ARG B 403 -29.31 4.11 2.20
CA ARG B 403 -29.71 2.74 1.89
C ARG B 403 -28.52 1.94 1.38
N VAL B 404 -28.67 0.63 1.41
CA VAL B 404 -27.65 -0.31 0.93
C VAL B 404 -28.25 -1.09 -0.23
N PRO B 405 -27.61 -1.15 -1.40
CA PRO B 405 -28.22 -1.87 -2.52
C PRO B 405 -28.37 -3.36 -2.21
N GLN B 406 -29.33 -3.97 -2.90
CA GLN B 406 -29.70 -5.35 -2.60
C GLN B 406 -28.50 -6.28 -2.61
N ALA B 407 -27.62 -6.14 -3.61
CA ALA B 407 -26.48 -7.04 -3.73
C ALA B 407 -25.47 -6.89 -2.60
N LEU B 408 -25.57 -5.80 -1.82
CA LEU B 408 -24.63 -5.54 -0.74
C LEU B 408 -25.19 -5.86 0.63
N ILE B 409 -26.48 -6.17 0.74
CA ILE B 409 -27.06 -6.52 2.04
C ILE B 409 -26.36 -7.72 2.63
N PRO B 410 -26.08 -8.80 1.89
CA PRO B 410 -25.38 -9.94 2.50
C PRO B 410 -24.02 -9.56 3.07
N TYR B 411 -23.34 -8.57 2.46
CA TYR B 411 -22.02 -8.18 2.93
C TYR B 411 -22.09 -7.31 4.18
N MET B 412 -23.12 -6.46 4.29
CA MET B 412 -23.26 -5.56 5.42
C MET B 412 -24.19 -6.09 6.50
N GLY B 413 -25.07 -7.02 6.17
CA GLY B 413 -26.00 -7.52 7.17
C GLY B 413 -27.08 -6.54 7.56
N LYS B 414 -27.35 -5.54 6.72
CA LYS B 414 -28.38 -4.56 7.01
C LYS B 414 -28.81 -3.89 5.71
N GLU B 415 -30.05 -3.41 5.70
CA GLU B 415 -30.60 -2.75 4.53
C GLU B 415 -30.32 -1.26 4.50
N VAL B 416 -30.03 -0.66 5.66
CA VAL B 416 -29.75 0.77 5.77
C VAL B 416 -28.54 0.95 6.67
N LEU B 417 -27.60 1.78 6.24
CA LEU B 417 -26.40 2.03 7.02
C LEU B 417 -26.75 2.74 8.32
N GLU B 418 -26.18 2.26 9.42
CA GLU B 418 -26.45 2.84 10.74
C GLU B 418 -25.46 3.97 11.01
N PRO B 419 -25.94 5.13 11.49
CA PRO B 419 -25.01 6.22 11.82
C PRO B 419 -24.26 5.95 13.11
N CYS B 420 -23.14 6.66 13.24
CA CYS B 420 -22.32 6.61 14.46
C CYS B 420 -22.65 7.78 15.38
N GLY B 421 -22.45 9.01 14.91
CA GLY B 421 -22.75 10.20 15.67
C GLY B 421 -23.26 11.32 14.78
#